data_1TF4
#
_entry.id   1TF4
#
_cell.length_a   145.680
_cell.length_b   145.680
_cell.length_c   157.080
_cell.angle_alpha   90.00
_cell.angle_beta   90.00
_cell.angle_gamma   90.00
#
_symmetry.space_group_name_H-M   'P 41 21 2'
#
loop_
_entity.id
_entity.type
_entity.pdbx_description
1 polymer 'T. FUSCA ENDO/EXO-CELLULASE E4 CATALYTIC DOMAIN AND CELLULOSE-BINDING DOMAIN'
2 non-polymer 'CALCIUM ION'
3 water water
#
_entity_poly.entity_id   1
_entity_poly.type   'polypeptide(L)'
_entity_poly.pdbx_seq_one_letter_code
;EPAFNYAEALQKSMFFYEAQRSGKLPENNRVSWRGDSGLNDGADVGLDLTGGWYDAGDHVKFGFPMAFTATMLAWGAIES
PEGYIRSGQMPYLKDNLRWVNDYFIKAHPSPNVLYVQVGDGDADHKWWGPAEVMPMERPSFKVDPSCPGSDVAAETAAAM
AASSIVFADDDPAYAATLVQHAKQLYTFADTYRGVYSDCVPAGAFYNSWSGYQDELVWGAYWLYKATGDDSYLAKAEYEY
DFLSTEQQTDLRSYRWTIAWDDKSYGTYVLLAKETGKQKYIDDANRWLDYWTVGVNGQRVPYSPGGMAVLDTWGALRYAA
NTAFVALVYAKVIDDPVRKQRYHDFAVRQINYALGDNPRNSSYVVGFGNNPPRNPHHRTAHGSWTDSIASPAENRHVLYG
ALVGGPGSPNDAYTDDRQDYVANEVATDYNAGFSSALAMLVEEYGGTPLADFPPTEEPDGPEIFVEAQINTPGTTFTEIK
AMIRNQSGWPARMLDKGTFRYWFTLDEGVDPADITVSSAYNQCATPEDVHHVSGDLYYVEIDCTGEKIFPGGQSEHRREV
QFRIAGGPGWDPSNDWSFQGIGNELAPAPYIVLYDDGVPVWGTAP
;
_entity_poly.pdbx_strand_id   A,B
#
loop_
_chem_comp.id
_chem_comp.type
_chem_comp.name
_chem_comp.formula
CA non-polymer 'CALCIUM ION' 'Ca 2'
#
# COMPACT_ATOMS: atom_id res chain seq x y z
N GLU A 1 -35.36 -14.05 47.08
CA GLU A 1 -35.13 -14.76 45.79
C GLU A 1 -34.60 -13.71 44.81
N PRO A 2 -34.57 -13.98 43.49
CA PRO A 2 -34.01 -12.93 42.63
C PRO A 2 -34.84 -11.63 42.67
N ALA A 3 -34.18 -10.53 42.97
CA ALA A 3 -34.84 -9.23 43.01
C ALA A 3 -35.34 -8.92 41.60
N PHE A 4 -34.60 -9.39 40.61
CA PHE A 4 -34.97 -9.23 39.21
C PHE A 4 -34.70 -10.57 38.56
N ASN A 5 -35.41 -10.87 37.48
CA ASN A 5 -35.24 -12.15 36.81
C ASN A 5 -34.01 -12.12 35.91
N TYR A 6 -32.86 -12.46 36.48
CA TYR A 6 -31.60 -12.45 35.75
C TYR A 6 -31.58 -13.39 34.55
N ALA A 7 -32.29 -14.50 34.63
CA ALA A 7 -32.33 -15.47 33.53
C ALA A 7 -33.05 -14.89 32.32
N GLU A 8 -34.13 -14.17 32.55
CA GLU A 8 -34.89 -13.55 31.47
C GLU A 8 -34.04 -12.46 30.80
N ALA A 9 -33.36 -11.67 31.62
CA ALA A 9 -32.50 -10.60 31.10
C ALA A 9 -31.40 -11.18 30.22
N LEU A 10 -30.78 -12.27 30.65
CA LEU A 10 -29.72 -12.91 29.88
C LEU A 10 -30.30 -13.49 28.59
N GLN A 11 -31.48 -14.08 28.71
CA GLN A 11 -32.18 -14.66 27.56
C GLN A 11 -32.38 -13.58 26.49
N LYS A 12 -32.78 -12.39 26.93
CA LYS A 12 -33.01 -11.29 26.02
C LYS A 12 -31.70 -10.70 25.51
N SER A 13 -30.64 -10.77 26.31
CA SER A 13 -29.34 -10.25 25.87
C SER A 13 -28.82 -11.08 24.69
N MET A 14 -29.06 -12.39 24.72
CA MET A 14 -28.63 -13.27 23.64
C MET A 14 -29.37 -12.98 22.34
N PHE A 15 -30.64 -12.57 22.45
CA PHE A 15 -31.46 -12.22 21.30
C PHE A 15 -30.91 -10.94 20.66
N PHE A 16 -30.42 -10.03 21.49
CA PHE A 16 -29.85 -8.77 21.02
C PHE A 16 -28.69 -9.04 20.06
N TYR A 17 -27.79 -9.92 20.44
CA TYR A 17 -26.66 -10.27 19.58
C TYR A 17 -27.11 -10.89 18.27
N GLU A 18 -28.20 -11.65 18.31
CA GLU A 18 -28.70 -12.26 17.10
C GLU A 18 -29.26 -11.17 16.18
N ALA A 19 -29.80 -10.10 16.77
CA ALA A 19 -30.35 -8.99 16.02
C ALA A 19 -29.26 -8.12 15.39
N GLN A 20 -28.04 -8.28 15.86
CA GLN A 20 -26.91 -7.51 15.35
C GLN A 20 -26.18 -8.20 14.19
N ARG A 21 -26.63 -9.38 13.81
CA ARG A 21 -26.00 -10.16 12.75
C ARG A 21 -26.01 -9.52 11.37
N SER A 22 -24.92 -9.75 10.64
CA SER A 22 -24.76 -9.26 9.28
C SER A 22 -24.54 -10.50 8.41
N GLY A 23 -24.75 -10.34 7.11
CA GLY A 23 -24.55 -11.46 6.20
C GLY A 23 -25.81 -12.24 5.97
N LYS A 24 -25.69 -13.43 5.39
CA LYS A 24 -26.85 -14.26 5.13
C LYS A 24 -27.28 -14.99 6.39
N LEU A 25 -28.50 -14.75 6.82
CA LEU A 25 -29.03 -15.36 8.04
C LEU A 25 -29.49 -16.80 7.84
N PRO A 26 -29.46 -17.60 8.92
CA PRO A 26 -29.84 -19.01 8.88
C PRO A 26 -31.34 -19.21 8.82
N GLU A 27 -31.75 -20.44 8.52
CA GLU A 27 -33.15 -20.82 8.45
C GLU A 27 -33.81 -20.62 9.82
N ASN A 28 -33.06 -20.96 10.87
CA ASN A 28 -33.52 -20.87 12.25
C ASN A 28 -33.57 -19.46 12.86
N ASN A 29 -33.37 -18.44 12.02
CA ASN A 29 -33.37 -17.05 12.49
C ASN A 29 -34.56 -16.71 13.38
N ARG A 30 -34.27 -16.24 14.59
CA ARG A 30 -35.31 -15.89 15.56
C ARG A 30 -35.83 -14.46 15.44
N VAL A 31 -35.06 -13.57 14.82
CA VAL A 31 -35.46 -12.18 14.67
C VAL A 31 -36.17 -12.02 13.33
N SER A 32 -37.50 -12.06 13.36
CA SER A 32 -38.29 -11.97 12.13
C SER A 32 -38.16 -10.66 11.35
N TRP A 33 -37.74 -9.61 12.01
CA TRP A 33 -37.58 -8.34 11.32
C TRP A 33 -36.17 -8.13 10.75
N ARG A 34 -35.37 -9.19 10.74
CA ARG A 34 -34.01 -9.13 10.20
C ARG A 34 -33.91 -10.10 9.02
N GLY A 35 -33.30 -9.65 7.94
CA GLY A 35 -33.12 -10.46 6.74
C GLY A 35 -31.68 -10.37 6.32
N ASP A 36 -31.34 -10.92 5.15
CA ASP A 36 -29.96 -10.90 4.66
C ASP A 36 -29.52 -9.48 4.39
N SER A 37 -28.27 -9.17 4.71
CA SER A 37 -27.74 -7.83 4.49
C SER A 37 -26.21 -7.90 4.38
N GLY A 38 -25.61 -6.85 3.85
CA GLY A 38 -24.18 -6.81 3.71
C GLY A 38 -23.65 -8.01 2.94
N LEU A 39 -24.43 -8.46 1.96
CA LEU A 39 -24.07 -9.63 1.16
C LEU A 39 -22.88 -9.49 0.23
N ASN A 40 -22.46 -8.26 -0.04
CA ASN A 40 -21.32 -8.04 -0.92
C ASN A 40 -20.10 -7.55 -0.15
N ASP A 41 -20.08 -7.84 1.16
CA ASP A 41 -18.96 -7.43 2.00
C ASP A 41 -17.70 -8.21 1.64
N GLY A 42 -16.65 -7.47 1.33
CA GLY A 42 -15.39 -8.08 0.96
C GLY A 42 -15.18 -8.12 -0.54
N ALA A 43 -16.24 -7.89 -1.30
CA ALA A 43 -16.18 -7.93 -2.75
C ALA A 43 -15.09 -7.03 -3.31
N ASP A 44 -14.90 -5.86 -2.72
CA ASP A 44 -13.90 -4.92 -3.19
C ASP A 44 -12.46 -5.44 -3.13
N VAL A 45 -12.24 -6.49 -2.33
CA VAL A 45 -10.91 -7.08 -2.19
C VAL A 45 -10.89 -8.56 -2.58
N GLY A 46 -11.94 -8.97 -3.30
CA GLY A 46 -12.04 -10.36 -3.75
C GLY A 46 -12.20 -11.38 -2.65
N LEU A 47 -12.68 -10.96 -1.49
CA LEU A 47 -12.86 -11.89 -0.37
C LEU A 47 -14.30 -11.92 0.13
N ASP A 48 -14.65 -13.03 0.78
CA ASP A 48 -15.98 -13.15 1.36
C ASP A 48 -15.83 -12.70 2.79
N LEU A 49 -16.28 -11.49 3.09
CA LEU A 49 -16.19 -10.97 4.44
C LEU A 49 -17.60 -10.74 4.98
N THR A 50 -18.53 -11.60 4.58
CA THR A 50 -19.91 -11.49 5.05
C THR A 50 -19.97 -12.12 6.44
N GLY A 51 -20.95 -11.69 7.24
CA GLY A 51 -21.09 -12.23 8.58
C GLY A 51 -20.66 -11.22 9.63
N GLY A 52 -20.44 -11.70 10.84
CA GLY A 52 -20.02 -10.81 11.91
C GLY A 52 -21.19 -10.01 12.47
N TRP A 53 -20.87 -9.02 13.30
CA TRP A 53 -21.88 -8.18 13.93
C TRP A 53 -21.74 -6.73 13.54
N TYR A 54 -22.88 -6.03 13.53
CA TYR A 54 -22.90 -4.62 13.27
C TYR A 54 -22.54 -4.07 14.65
N ASP A 55 -21.71 -3.04 14.69
CA ASP A 55 -21.27 -2.50 15.97
C ASP A 55 -22.34 -2.00 16.94
N ALA A 56 -23.10 -0.99 16.52
CA ALA A 56 -24.09 -0.38 17.39
C ALA A 56 -25.42 -0.19 16.67
N GLY A 57 -25.86 1.05 16.57
CA GLY A 57 -27.11 1.33 15.88
C GLY A 57 -26.81 1.64 14.43
N ASP A 58 -25.57 1.37 14.02
CA ASP A 58 -25.11 1.61 12.66
C ASP A 58 -24.83 0.27 11.96
N HIS A 59 -24.16 0.32 10.81
CA HIS A 59 -23.89 -0.90 10.06
C HIS A 59 -22.43 -1.13 9.72
N VAL A 60 -21.54 -0.46 10.44
CA VAL A 60 -20.11 -0.64 10.23
C VAL A 60 -19.68 -1.83 11.09
N LYS A 61 -18.79 -2.66 10.54
CA LYS A 61 -18.28 -3.81 11.26
C LYS A 61 -16.89 -3.43 11.77
N PHE A 62 -16.85 -2.94 13.01
CA PHE A 62 -15.63 -2.50 13.68
C PHE A 62 -14.98 -3.67 14.39
N GLY A 63 -13.88 -4.16 13.84
CA GLY A 63 -13.18 -5.30 14.40
C GLY A 63 -12.62 -5.23 15.82
N PHE A 64 -12.19 -4.07 16.25
CA PHE A 64 -11.63 -3.94 17.61
C PHE A 64 -12.70 -4.22 18.69
N PRO A 65 -13.78 -3.42 18.74
CA PRO A 65 -14.81 -3.72 19.74
C PRO A 65 -15.52 -5.04 19.52
N MET A 66 -15.62 -5.49 18.26
CA MET A 66 -16.28 -6.76 17.97
C MET A 66 -15.51 -7.90 18.61
N ALA A 67 -14.18 -7.87 18.51
CA ALA A 67 -13.35 -8.90 19.10
C ALA A 67 -13.44 -8.83 20.62
N PHE A 68 -13.34 -7.63 21.19
CA PHE A 68 -13.44 -7.49 22.64
C PHE A 68 -14.75 -8.08 23.14
N THR A 69 -15.84 -7.77 22.45
CA THR A 69 -17.15 -8.28 22.82
C THR A 69 -17.06 -9.80 22.90
N ALA A 70 -16.48 -10.42 21.89
CA ALA A 70 -16.34 -11.88 21.86
C ALA A 70 -15.55 -12.40 23.07
N THR A 71 -14.40 -11.79 23.36
CA THR A 71 -13.59 -12.21 24.50
C THR A 71 -14.34 -12.12 25.84
N MET A 72 -15.11 -11.05 26.03
CA MET A 72 -15.87 -10.86 27.27
C MET A 72 -16.98 -11.89 27.43
N LEU A 73 -17.69 -12.17 26.34
CA LEU A 73 -18.78 -13.16 26.37
C LEU A 73 -18.23 -14.54 26.67
N ALA A 74 -17.10 -14.88 26.05
CA ALA A 74 -16.48 -16.18 26.28
C ALA A 74 -16.03 -16.29 27.74
N TRP A 75 -15.44 -15.21 28.25
CA TRP A 75 -14.96 -15.16 29.63
C TRP A 75 -16.10 -15.48 30.60
N GLY A 76 -17.24 -14.84 30.41
CA GLY A 76 -18.39 -15.07 31.27
C GLY A 76 -18.85 -16.51 31.23
N ALA A 77 -18.83 -17.11 30.03
CA ALA A 77 -19.24 -18.50 29.83
C ALA A 77 -18.27 -19.48 30.47
N ILE A 78 -17.01 -19.07 30.59
CA ILE A 78 -15.98 -19.89 31.21
C ILE A 78 -16.14 -19.81 32.73
N GLU A 79 -16.39 -18.60 33.23
CA GLU A 79 -16.56 -18.39 34.66
C GLU A 79 -17.84 -19.02 35.21
N SER A 80 -18.94 -18.86 34.48
CA SER A 80 -20.21 -19.40 34.91
C SER A 80 -20.93 -20.16 33.81
N PRO A 81 -20.46 -21.36 33.47
CA PRO A 81 -21.22 -22.16 32.50
C PRO A 81 -22.58 -22.53 33.09
N GLU A 82 -22.64 -22.71 34.41
CA GLU A 82 -23.89 -23.06 35.06
C GLU A 82 -24.95 -21.97 34.90
N GLY A 83 -24.54 -20.71 34.96
CA GLY A 83 -25.49 -19.62 34.80
C GLY A 83 -26.14 -19.70 33.43
N TYR A 84 -25.34 -20.03 32.43
CA TYR A 84 -25.86 -20.14 31.08
C TYR A 84 -26.66 -21.43 30.90
N ILE A 85 -26.25 -22.50 31.57
CA ILE A 85 -26.95 -23.78 31.48
C ILE A 85 -28.32 -23.67 32.16
N ARG A 86 -28.36 -23.06 33.34
CA ARG A 86 -29.62 -22.90 34.09
C ARG A 86 -30.61 -21.97 33.41
N SER A 87 -30.12 -20.90 32.80
CA SER A 87 -31.00 -19.96 32.11
C SER A 87 -31.46 -20.54 30.78
N GLY A 88 -30.90 -21.69 30.41
CA GLY A 88 -31.23 -22.35 29.16
C GLY A 88 -30.66 -21.60 27.97
N GLN A 89 -29.71 -20.73 28.24
CA GLN A 89 -29.11 -19.90 27.22
C GLN A 89 -27.78 -20.36 26.65
N MET A 90 -27.22 -21.45 27.17
CA MET A 90 -25.93 -21.93 26.65
C MET A 90 -25.89 -22.15 25.14
N PRO A 91 -26.94 -22.78 24.56
CA PRO A 91 -26.90 -22.98 23.11
C PRO A 91 -26.91 -21.67 22.33
N TYR A 92 -27.56 -20.65 22.87
CA TYR A 92 -27.60 -19.36 22.19
C TYR A 92 -26.27 -18.65 22.32
N LEU A 93 -25.60 -18.82 23.45
CA LEU A 93 -24.29 -18.20 23.64
C LEU A 93 -23.35 -18.79 22.61
N LYS A 94 -23.36 -20.12 22.51
CA LYS A 94 -22.50 -20.82 21.56
C LYS A 94 -22.80 -20.44 20.11
N ASP A 95 -24.09 -20.26 19.80
CA ASP A 95 -24.49 -19.88 18.46
C ASP A 95 -23.95 -18.48 18.14
N ASN A 96 -24.01 -17.58 19.12
CA ASN A 96 -23.51 -16.21 18.95
C ASN A 96 -21.99 -16.19 18.80
N LEU A 97 -21.29 -16.96 19.62
CA LEU A 97 -19.84 -17.02 19.55
C LEU A 97 -19.37 -17.63 18.23
N ARG A 98 -20.05 -18.68 17.78
CA ARG A 98 -19.69 -19.32 16.52
C ARG A 98 -19.90 -18.34 15.37
N TRP A 99 -20.95 -17.54 15.47
CA TRP A 99 -21.23 -16.57 14.42
C TRP A 99 -20.08 -15.59 14.25
N VAL A 100 -19.66 -14.98 15.35
CA VAL A 100 -18.56 -14.02 15.29
C VAL A 100 -17.20 -14.64 14.97
N ASN A 101 -16.94 -15.86 15.46
CA ASN A 101 -15.66 -16.52 15.19
C ASN A 101 -15.57 -16.99 13.73
N ASP A 102 -16.68 -17.40 13.15
CA ASP A 102 -16.69 -17.82 11.76
C ASP A 102 -16.27 -16.64 10.90
N TYR A 103 -16.59 -15.43 11.35
CA TYR A 103 -16.22 -14.22 10.62
C TYR A 103 -14.74 -13.91 10.78
N PHE A 104 -14.23 -14.09 12.00
CA PHE A 104 -12.81 -13.83 12.27
C PHE A 104 -11.95 -14.76 11.42
N ILE A 105 -12.43 -15.97 11.18
CA ILE A 105 -11.70 -16.93 10.36
C ILE A 105 -11.65 -16.38 8.92
N LYS A 106 -12.80 -15.95 8.40
CA LYS A 106 -12.89 -15.37 7.06
C LYS A 106 -11.98 -14.14 6.94
N ALA A 107 -12.00 -13.30 7.97
CA ALA A 107 -11.21 -12.08 8.02
C ALA A 107 -9.71 -12.30 8.18
N HIS A 108 -9.29 -13.55 8.37
CA HIS A 108 -7.88 -13.88 8.55
C HIS A 108 -7.44 -14.82 7.43
N PRO A 109 -7.28 -14.30 6.19
CA PRO A 109 -6.94 -15.10 5.01
C PRO A 109 -5.56 -15.74 5.06
N SER A 110 -4.62 -15.07 5.72
CA SER A 110 -3.28 -15.60 5.86
C SER A 110 -2.72 -15.13 7.19
N PRO A 111 -1.73 -15.85 7.76
CA PRO A 111 -1.17 -15.58 9.09
C PRO A 111 -0.98 -14.12 9.53
N ASN A 112 -0.43 -13.28 8.66
CA ASN A 112 -0.20 -11.88 9.03
C ASN A 112 -1.15 -10.86 8.39
N VAL A 113 -2.33 -11.30 7.99
CA VAL A 113 -3.31 -10.40 7.38
C VAL A 113 -4.66 -10.51 8.10
N LEU A 114 -5.11 -9.39 8.64
CA LEU A 114 -6.39 -9.36 9.36
C LEU A 114 -7.27 -8.19 8.91
N TYR A 115 -8.45 -8.51 8.37
CA TYR A 115 -9.39 -7.47 7.96
C TYR A 115 -10.10 -7.01 9.23
N VAL A 116 -9.93 -5.74 9.56
CA VAL A 116 -10.47 -5.18 10.78
C VAL A 116 -11.66 -4.21 10.64
N GLN A 117 -12.09 -3.95 9.42
CA GLN A 117 -13.21 -3.05 9.24
C GLN A 117 -13.86 -3.21 7.89
N VAL A 118 -15.18 -3.25 7.89
CA VAL A 118 -15.96 -3.34 6.66
C VAL A 118 -16.98 -2.23 6.79
N GLY A 119 -16.90 -1.26 5.90
CA GLY A 119 -17.81 -0.14 5.93
C GLY A 119 -17.03 1.10 6.32
N ASP A 120 -17.50 2.25 5.85
CA ASP A 120 -16.88 3.51 6.15
C ASP A 120 -17.77 4.27 7.12
N GLY A 121 -17.23 4.59 8.29
CA GLY A 121 -17.99 5.29 9.31
C GLY A 121 -18.79 6.50 8.89
N ASP A 122 -18.19 7.37 8.08
CA ASP A 122 -18.90 8.57 7.63
C ASP A 122 -19.99 8.32 6.59
N ALA A 123 -19.72 7.47 5.62
CA ALA A 123 -20.72 7.19 4.60
C ALA A 123 -21.89 6.46 5.24
N ASP A 124 -21.58 5.52 6.13
CA ASP A 124 -22.59 4.73 6.83
C ASP A 124 -23.49 5.57 7.74
N HIS A 125 -22.90 6.46 8.52
CA HIS A 125 -23.66 7.29 9.43
C HIS A 125 -24.48 8.40 8.80
N LYS A 126 -24.29 8.62 7.49
CA LYS A 126 -25.04 9.67 6.80
C LYS A 126 -26.45 9.23 6.44
N TRP A 127 -26.65 7.92 6.37
CA TRP A 127 -27.95 7.35 6.02
C TRP A 127 -28.63 6.70 7.23
N TRP A 128 -29.94 6.92 7.36
CA TRP A 128 -30.69 6.35 8.46
C TRP A 128 -31.77 5.43 7.90
N GLY A 129 -31.50 4.13 7.90
CA GLY A 129 -32.45 3.16 7.39
C GLY A 129 -32.05 1.74 7.75
N PRO A 130 -32.88 0.74 7.41
CA PRO A 130 -32.66 -0.68 7.71
C PRO A 130 -31.44 -1.26 7.00
N ALA A 131 -30.76 -2.18 7.66
CA ALA A 131 -29.56 -2.81 7.12
C ALA A 131 -29.76 -3.55 5.80
N GLU A 132 -30.93 -4.16 5.63
CA GLU A 132 -31.23 -4.95 4.43
C GLU A 132 -31.23 -4.20 3.11
N VAL A 133 -31.38 -2.88 3.15
CA VAL A 133 -31.42 -2.11 1.92
C VAL A 133 -30.37 -1.01 1.80
N MET A 134 -29.26 -1.17 2.51
CA MET A 134 -28.17 -0.18 2.48
C MET A 134 -27.82 0.15 1.04
N PRO A 135 -27.83 1.45 0.68
CA PRO A 135 -27.54 1.87 -0.68
C PRO A 135 -26.08 2.23 -0.97
N MET A 136 -25.28 2.48 0.07
CA MET A 136 -23.89 2.87 -0.12
C MET A 136 -22.86 1.75 -0.24
N GLU A 137 -21.69 2.12 -0.76
CA GLU A 137 -20.58 1.17 -0.91
C GLU A 137 -19.92 0.93 0.44
N ARG A 138 -19.45 -0.30 0.63
CA ARG A 138 -18.83 -0.67 1.88
C ARG A 138 -17.42 -1.18 1.62
N PRO A 139 -16.40 -0.35 1.87
CA PRO A 139 -14.98 -0.69 1.68
C PRO A 139 -14.45 -1.62 2.78
N SER A 140 -13.45 -2.42 2.44
CA SER A 140 -12.81 -3.34 3.39
C SER A 140 -11.45 -2.75 3.77
N PHE A 141 -11.08 -2.83 5.04
CA PHE A 141 -9.80 -2.32 5.51
C PHE A 141 -9.10 -3.43 6.27
N LYS A 142 -7.77 -3.42 6.25
CA LYS A 142 -7.00 -4.47 6.93
C LYS A 142 -5.69 -3.97 7.52
N VAL A 143 -5.05 -4.82 8.31
CA VAL A 143 -3.75 -4.54 8.91
C VAL A 143 -2.86 -5.71 8.50
N ASP A 144 -1.57 -5.43 8.27
CA ASP A 144 -0.61 -6.43 7.85
C ASP A 144 0.79 -5.94 8.25
N PRO A 145 1.86 -6.68 7.88
CA PRO A 145 3.20 -6.22 8.26
C PRO A 145 3.52 -4.79 7.80
N SER A 146 2.99 -4.39 6.64
CA SER A 146 3.20 -3.06 6.10
C SER A 146 2.58 -1.96 6.95
N CYS A 147 1.48 -2.27 7.61
CA CYS A 147 0.77 -1.32 8.46
C CYS A 147 0.07 -2.18 9.50
N PRO A 148 0.77 -2.49 10.60
CA PRO A 148 0.29 -3.41 11.63
C PRO A 148 -0.79 -2.89 12.57
N GLY A 149 -1.22 -3.76 13.46
CA GLY A 149 -2.23 -3.42 14.45
C GLY A 149 -2.15 -4.44 15.56
N SER A 150 -1.18 -4.29 16.45
CA SER A 150 -0.98 -5.21 17.55
C SER A 150 -2.18 -5.28 18.49
N ASP A 151 -2.83 -4.15 18.73
CA ASP A 151 -4.00 -4.10 19.60
C ASP A 151 -5.16 -4.95 19.07
N VAL A 152 -5.60 -4.67 17.86
CA VAL A 152 -6.72 -5.40 17.29
C VAL A 152 -6.40 -6.87 16.97
N ALA A 153 -5.17 -7.16 16.57
CA ALA A 153 -4.77 -8.53 16.27
C ALA A 153 -4.70 -9.37 17.54
N ALA A 154 -4.10 -8.81 18.58
CA ALA A 154 -3.98 -9.50 19.86
C ALA A 154 -5.36 -9.71 20.47
N GLU A 155 -6.25 -8.75 20.27
CA GLU A 155 -7.60 -8.87 20.81
C GLU A 155 -8.34 -9.99 20.10
N THR A 156 -8.25 -10.04 18.77
CA THR A 156 -8.90 -11.08 17.99
C THR A 156 -8.32 -12.44 18.38
N ALA A 157 -7.02 -12.47 18.67
CA ALA A 157 -6.35 -13.71 19.08
C ALA A 157 -6.96 -14.16 20.41
N ALA A 158 -7.13 -13.21 21.34
CA ALA A 158 -7.72 -13.50 22.66
C ALA A 158 -9.16 -13.99 22.51
N ALA A 159 -9.91 -13.39 21.58
CA ALA A 159 -11.30 -13.76 21.35
C ALA A 159 -11.41 -15.21 20.89
N MET A 160 -10.52 -15.59 19.97
CA MET A 160 -10.52 -16.93 19.41
C MET A 160 -9.97 -17.93 20.42
N ALA A 161 -8.97 -17.52 21.19
CA ALA A 161 -8.38 -18.38 22.21
C ALA A 161 -9.44 -18.64 23.29
N ALA A 162 -10.07 -17.58 23.78
CA ALA A 162 -11.08 -17.71 24.82
C ALA A 162 -12.29 -18.52 24.35
N SER A 163 -12.69 -18.35 23.11
CA SER A 163 -13.82 -19.08 22.54
C SER A 163 -13.51 -20.58 22.38
N SER A 164 -12.26 -20.91 22.11
CA SER A 164 -11.88 -22.31 21.92
C SER A 164 -12.17 -23.12 23.17
N ILE A 165 -11.96 -22.50 24.32
CA ILE A 165 -12.20 -23.15 25.61
C ILE A 165 -13.70 -23.47 25.74
N VAL A 166 -14.55 -22.58 25.26
CA VAL A 166 -15.99 -22.78 25.31
C VAL A 166 -16.44 -23.94 24.41
N PHE A 167 -15.79 -24.08 23.26
CA PHE A 167 -16.14 -25.14 22.32
C PHE A 167 -15.38 -26.45 22.51
N ALA A 168 -14.28 -26.40 23.26
CA ALA A 168 -13.43 -27.56 23.52
C ALA A 168 -14.15 -28.90 23.61
N ASP A 169 -15.12 -29.00 24.51
CA ASP A 169 -15.87 -30.25 24.69
C ASP A 169 -16.89 -30.57 23.61
N ASP A 170 -17.50 -29.54 23.02
CA ASP A 170 -18.51 -29.73 21.98
C ASP A 170 -17.94 -30.04 20.61
N ASP A 171 -17.08 -29.15 20.14
CA ASP A 171 -16.51 -29.26 18.81
C ASP A 171 -14.98 -29.13 18.88
N PRO A 172 -14.30 -30.19 19.34
CA PRO A 172 -12.84 -30.15 19.47
C PRO A 172 -12.10 -29.77 18.20
N ALA A 173 -12.69 -30.10 17.05
CA ALA A 173 -12.09 -29.78 15.76
C ALA A 173 -12.12 -28.27 15.54
N TYR A 174 -13.27 -27.67 15.84
CA TYR A 174 -13.44 -26.22 15.68
C TYR A 174 -12.57 -25.48 16.67
N ALA A 175 -12.53 -25.98 17.90
CA ALA A 175 -11.72 -25.37 18.94
C ALA A 175 -10.27 -25.32 18.52
N ALA A 176 -9.82 -26.38 17.85
CA ALA A 176 -8.44 -26.49 17.37
C ALA A 176 -8.15 -25.43 16.30
N THR A 177 -9.10 -25.24 15.40
CA THR A 177 -8.97 -24.27 14.34
C THR A 177 -8.84 -22.86 14.93
N LEU A 178 -9.63 -22.57 15.95
CA LEU A 178 -9.60 -21.27 16.60
C LEU A 178 -8.24 -21.02 17.26
N VAL A 179 -7.74 -22.00 18.00
CA VAL A 179 -6.45 -21.87 18.67
C VAL A 179 -5.32 -21.64 17.67
N GLN A 180 -5.35 -22.36 16.55
CA GLN A 180 -4.35 -22.21 15.52
C GLN A 180 -4.33 -20.79 14.96
N HIS A 181 -5.53 -20.23 14.74
CA HIS A 181 -5.65 -18.86 14.24
C HIS A 181 -5.15 -17.87 15.30
N ALA A 182 -5.52 -18.11 16.55
CA ALA A 182 -5.14 -17.24 17.66
C ALA A 182 -3.63 -17.15 17.82
N LYS A 183 -2.95 -18.28 17.61
CA LYS A 183 -1.48 -18.33 17.71
C LYS A 183 -0.83 -17.45 16.66
N GLN A 184 -1.27 -17.61 15.42
CA GLN A 184 -0.75 -16.84 14.29
C GLN A 184 -0.99 -15.35 14.50
N LEU A 185 -2.22 -15.01 14.86
CA LEU A 185 -2.60 -13.62 15.10
C LEU A 185 -1.78 -12.98 16.22
N TYR A 186 -1.51 -13.73 17.28
CA TYR A 186 -0.73 -13.18 18.38
C TYR A 186 0.73 -12.97 17.97
N THR A 187 1.28 -13.89 17.18
CA THR A 187 2.65 -13.76 16.71
C THR A 187 2.74 -12.50 15.86
N PHE A 188 1.76 -12.33 14.98
CA PHE A 188 1.69 -11.17 14.11
C PHE A 188 1.68 -9.88 14.96
N ALA A 189 0.84 -9.88 15.99
CA ALA A 189 0.72 -8.73 16.88
C ALA A 189 1.99 -8.45 17.67
N ASP A 190 2.66 -9.51 18.10
CA ASP A 190 3.89 -9.39 18.89
C ASP A 190 5.09 -9.01 18.03
N THR A 191 5.11 -9.50 16.79
CA THR A 191 6.21 -9.24 15.87
C THR A 191 6.16 -7.86 15.20
N TYR A 192 5.01 -7.52 14.60
CA TYR A 192 4.85 -6.25 13.92
C TYR A 192 4.06 -5.32 14.81
N ARG A 193 4.76 -4.42 15.48
CA ARG A 193 4.17 -3.50 16.43
C ARG A 193 3.65 -2.18 15.91
N GLY A 194 2.41 -1.87 16.28
CA GLY A 194 1.79 -0.63 15.88
C GLY A 194 0.33 -0.55 16.31
N VAL A 195 -0.18 0.67 16.37
CA VAL A 195 -1.56 0.94 16.75
C VAL A 195 -2.42 0.87 15.48
N TYR A 196 -3.43 -0.01 15.49
CA TYR A 196 -4.26 -0.20 14.32
C TYR A 196 -4.95 1.05 13.76
N SER A 197 -5.31 2.00 14.64
CA SER A 197 -5.96 3.22 14.19
C SER A 197 -5.08 4.13 13.35
N ASP A 198 -3.78 3.82 13.30
CA ASP A 198 -2.85 4.59 12.49
C ASP A 198 -2.89 4.07 11.07
N CYS A 199 -3.52 2.91 10.89
CA CYS A 199 -3.63 2.25 9.60
C CYS A 199 -5.02 2.19 8.99
N VAL A 200 -6.06 2.14 9.82
CA VAL A 200 -7.43 2.10 9.31
C VAL A 200 -8.20 3.33 9.80
N PRO A 201 -9.21 3.77 9.03
CA PRO A 201 -9.98 4.97 9.38
C PRO A 201 -10.99 4.76 10.51
N ALA A 202 -10.52 4.32 11.66
CA ALA A 202 -11.37 4.08 12.81
C ALA A 202 -11.10 5.03 13.96
N GLY A 203 -10.20 5.98 13.74
CA GLY A 203 -9.83 6.93 14.79
C GLY A 203 -10.96 7.74 15.39
N ALA A 204 -11.90 8.18 14.57
CA ALA A 204 -13.03 8.99 15.03
C ALA A 204 -14.08 8.18 15.77
N PHE A 205 -13.93 6.86 15.76
CA PHE A 205 -14.91 6.00 16.40
C PHE A 205 -14.32 5.12 17.50
N TYR A 206 -13.33 4.34 17.14
CA TYR A 206 -12.70 3.44 18.09
C TYR A 206 -11.18 3.58 18.07
N ASN A 207 -10.73 4.76 18.46
CA ASN A 207 -9.32 5.08 18.51
C ASN A 207 -8.63 4.33 19.64
N SER A 208 -7.45 3.77 19.35
CA SER A 208 -6.70 3.03 20.34
C SER A 208 -6.01 4.01 21.28
N TRP A 209 -6.76 4.51 22.26
CA TRP A 209 -6.24 5.45 23.23
C TRP A 209 -5.17 4.89 24.15
N SER A 210 -5.34 3.65 24.60
CA SER A 210 -4.40 3.03 25.53
C SER A 210 -3.19 2.42 24.85
N GLY A 211 -3.30 2.17 23.54
CA GLY A 211 -2.19 1.56 22.84
C GLY A 211 -2.36 0.06 22.86
N TYR A 212 -1.28 -0.65 22.59
CA TYR A 212 -1.33 -2.11 22.53
C TYR A 212 -0.74 -2.89 23.68
N GLN A 213 -0.04 -2.24 24.59
CA GLN A 213 0.59 -2.95 25.68
C GLN A 213 -0.38 -3.85 26.45
N ASP A 214 -1.56 -3.31 26.76
CA ASP A 214 -2.58 -4.07 27.49
C ASP A 214 -3.07 -5.29 26.71
N GLU A 215 -3.20 -5.17 25.40
CA GLU A 215 -3.65 -6.29 24.57
C GLU A 215 -2.62 -7.40 24.49
N LEU A 216 -1.34 -7.07 24.66
CA LEU A 216 -0.27 -8.08 24.62
C LEU A 216 -0.32 -8.96 25.88
N VAL A 217 -0.65 -8.37 27.01
CA VAL A 217 -0.74 -9.13 28.27
C VAL A 217 -2.03 -9.97 28.22
N TRP A 218 -3.10 -9.32 27.79
CA TRP A 218 -4.43 -9.92 27.68
C TRP A 218 -4.45 -11.09 26.71
N GLY A 219 -3.88 -10.90 25.52
CA GLY A 219 -3.84 -11.97 24.54
C GLY A 219 -3.00 -13.16 24.98
N ALA A 220 -1.86 -12.89 25.59
CA ALA A 220 -0.96 -13.94 26.06
C ALA A 220 -1.64 -14.80 27.10
N TYR A 221 -2.31 -14.16 28.05
CA TYR A 221 -3.02 -14.90 29.09
C TYR A 221 -4.05 -15.86 28.48
N TRP A 222 -4.91 -15.33 27.61
CA TRP A 222 -5.94 -16.17 27.01
C TRP A 222 -5.36 -17.32 26.20
N LEU A 223 -4.23 -17.09 25.53
CA LEU A 223 -3.60 -18.15 24.76
C LEU A 223 -3.06 -19.22 25.71
N TYR A 224 -2.60 -18.80 26.88
CA TYR A 224 -2.10 -19.73 27.90
C TYR A 224 -3.23 -20.66 28.32
N LYS A 225 -4.39 -20.07 28.58
CA LYS A 225 -5.55 -20.83 29.01
C LYS A 225 -6.06 -21.78 27.95
N ALA A 226 -5.99 -21.36 26.69
CA ALA A 226 -6.45 -22.18 25.58
C ALA A 226 -5.48 -23.29 25.19
N THR A 227 -4.18 -23.03 25.35
CA THR A 227 -3.16 -24.01 24.97
C THR A 227 -2.56 -24.78 26.14
N GLY A 228 -2.32 -24.09 27.24
CA GLY A 228 -1.71 -24.72 28.40
C GLY A 228 -0.20 -24.55 28.30
N ASP A 229 0.22 -23.82 27.25
CA ASP A 229 1.63 -23.57 26.98
C ASP A 229 2.15 -22.54 27.99
N ASP A 230 3.01 -22.99 28.90
CA ASP A 230 3.60 -22.14 29.93
C ASP A 230 4.29 -20.89 29.42
N SER A 231 4.87 -20.97 28.22
CA SER A 231 5.59 -19.84 27.65
C SER A 231 4.71 -18.60 27.56
N TYR A 232 3.43 -18.82 27.30
CA TYR A 232 2.49 -17.72 27.19
C TYR A 232 2.26 -17.03 28.53
N LEU A 233 2.09 -17.80 29.61
CA LEU A 233 1.91 -17.22 30.93
C LEU A 233 3.15 -16.40 31.26
N ALA A 234 4.31 -16.94 30.87
CA ALA A 234 5.58 -16.26 31.10
C ALA A 234 5.56 -14.94 30.35
N LYS A 235 5.11 -14.99 29.10
CA LYS A 235 5.00 -13.82 28.24
C LYS A 235 4.10 -12.75 28.85
N ALA A 236 2.97 -13.20 29.41
CA ALA A 236 2.02 -12.29 30.03
C ALA A 236 2.64 -11.58 31.22
N GLU A 237 3.21 -12.36 32.14
CA GLU A 237 3.83 -11.80 33.33
C GLU A 237 5.02 -10.89 32.99
N TYR A 238 5.64 -11.11 31.85
CA TYR A 238 6.76 -10.27 31.45
C TYR A 238 6.25 -8.91 30.94
N GLU A 239 5.31 -8.96 30.01
CA GLU A 239 4.75 -7.74 29.43
C GLU A 239 3.98 -6.91 30.46
N TYR A 240 3.50 -7.55 31.51
CA TYR A 240 2.74 -6.89 32.56
C TYR A 240 3.44 -5.68 33.16
N ASP A 241 4.75 -5.75 33.30
CA ASP A 241 5.52 -4.66 33.90
C ASP A 241 5.59 -3.37 33.07
N PHE A 242 5.15 -3.45 31.82
CA PHE A 242 5.16 -2.28 30.96
C PHE A 242 3.79 -1.61 30.87
N LEU A 243 2.84 -2.05 31.67
CA LEU A 243 1.51 -1.48 31.67
C LEU A 243 1.57 -0.05 32.20
N SER A 244 0.65 0.78 31.73
CA SER A 244 0.57 2.18 32.10
C SER A 244 0.47 2.49 33.58
N THR A 245 1.28 3.44 34.01
CA THR A 245 1.29 3.89 35.39
C THR A 245 0.39 5.12 35.39
N GLU A 246 0.07 5.65 36.56
CA GLU A 246 -0.79 6.81 36.57
C GLU A 246 -0.12 8.11 36.95
N GLN A 247 -0.39 9.12 36.11
CA GLN A 247 0.11 10.47 36.26
C GLN A 247 1.54 10.70 36.80
N GLN A 248 1.71 10.73 38.12
CA GLN A 248 3.02 10.99 38.70
C GLN A 248 3.64 9.84 39.49
N THR A 249 2.89 8.79 39.74
CA THR A 249 3.41 7.68 40.54
C THR A 249 3.65 6.38 39.71
N ASP A 250 4.24 5.38 40.36
CA ASP A 250 4.49 4.08 39.74
C ASP A 250 3.32 3.13 39.96
N LEU A 251 2.19 3.68 40.38
CA LEU A 251 0.99 2.88 40.60
C LEU A 251 0.35 2.67 39.23
N ARG A 252 0.04 1.42 38.89
CA ARG A 252 -0.58 1.15 37.61
C ARG A 252 -2.01 1.68 37.61
N SER A 253 -2.47 2.13 36.44
CA SER A 253 -3.81 2.68 36.28
C SER A 253 -4.89 1.99 37.10
N TYR A 254 -5.65 2.79 37.84
CA TYR A 254 -6.73 2.26 38.67
C TYR A 254 -7.97 3.16 38.64
N ARG A 255 -7.94 4.22 37.84
CA ARG A 255 -9.05 5.16 37.77
C ARG A 255 -10.06 5.07 36.62
N TRP A 256 -9.96 4.03 35.80
CA TRP A 256 -10.89 3.86 34.71
C TRP A 256 -11.41 2.43 34.88
N THR A 257 -11.72 1.75 33.79
CA THR A 257 -12.19 0.39 33.89
C THR A 257 -11.96 -0.34 32.58
N ILE A 258 -12.17 -1.65 32.60
CA ILE A 258 -11.99 -2.47 31.42
C ILE A 258 -13.13 -2.24 30.42
N ALA A 259 -12.76 -2.10 29.15
CA ALA A 259 -13.70 -1.89 28.07
C ALA A 259 -12.97 -2.23 26.78
N TRP A 260 -13.56 -1.96 25.63
CA TRP A 260 -12.95 -2.29 24.35
C TRP A 260 -11.54 -1.74 24.11
N ASP A 261 -11.16 -0.71 24.86
CA ASP A 261 -9.87 -0.06 24.71
C ASP A 261 -8.74 -0.49 25.63
N ASP A 262 -9.01 -0.49 26.94
CA ASP A 262 -7.99 -0.83 27.93
C ASP A 262 -8.34 -2.09 28.72
N LYS A 263 -7.55 -3.13 28.54
CA LYS A 263 -7.76 -4.38 29.25
C LYS A 263 -6.89 -4.55 30.48
N SER A 264 -6.10 -3.53 30.80
CA SER A 264 -5.21 -3.56 31.96
C SER A 264 -5.88 -4.13 33.20
N TYR A 265 -7.05 -3.58 33.51
CA TYR A 265 -7.83 -3.94 34.67
C TYR A 265 -8.22 -5.40 34.72
N GLY A 266 -8.54 -5.97 33.56
CA GLY A 266 -8.90 -7.38 33.51
C GLY A 266 -7.71 -8.25 33.85
N THR A 267 -6.53 -7.89 33.35
CA THR A 267 -5.33 -8.68 33.60
C THR A 267 -4.95 -8.66 35.08
N TYR A 268 -5.17 -7.52 35.75
CA TYR A 268 -4.87 -7.42 37.19
C TYR A 268 -5.50 -8.62 37.87
N VAL A 269 -6.81 -8.76 37.67
CA VAL A 269 -7.61 -9.83 38.26
C VAL A 269 -7.28 -11.22 37.73
N LEU A 270 -7.15 -11.34 36.41
CA LEU A 270 -6.87 -12.64 35.80
C LEU A 270 -5.55 -13.25 36.27
N LEU A 271 -4.51 -12.43 36.39
CA LEU A 271 -3.23 -12.92 36.84
C LEU A 271 -3.25 -13.19 38.34
N ALA A 272 -3.96 -12.35 39.09
CA ALA A 272 -4.08 -12.54 40.53
C ALA A 272 -4.77 -13.88 40.76
N LYS A 273 -5.78 -14.15 39.96
CA LYS A 273 -6.54 -15.39 40.05
C LYS A 273 -5.67 -16.59 39.68
N GLU A 274 -4.83 -16.41 38.67
CA GLU A 274 -3.97 -17.48 38.17
C GLU A 274 -2.75 -17.78 39.02
N THR A 275 -1.95 -16.77 39.32
CA THR A 275 -0.72 -16.94 40.09
C THR A 275 -0.85 -16.77 41.59
N GLY A 276 -1.65 -15.81 42.02
CA GLY A 276 -1.83 -15.55 43.43
C GLY A 276 -0.82 -14.55 43.95
N LYS A 277 0.00 -14.01 43.06
CA LYS A 277 1.03 -13.06 43.44
C LYS A 277 0.48 -11.74 43.98
N GLN A 278 1.08 -11.27 45.08
CA GLN A 278 0.67 -10.04 45.74
C GLN A 278 0.69 -8.84 44.79
N LYS A 279 1.56 -8.92 43.79
CA LYS A 279 1.74 -7.87 42.79
C LYS A 279 0.43 -7.55 42.09
N TYR A 280 -0.28 -8.59 41.68
CA TYR A 280 -1.56 -8.47 41.00
C TYR A 280 -2.67 -8.11 41.96
N ILE A 281 -2.64 -8.75 43.13
CA ILE A 281 -3.63 -8.50 44.17
C ILE A 281 -3.64 -7.03 44.58
N ASP A 282 -2.47 -6.42 44.65
CA ASP A 282 -2.36 -5.02 45.02
C ASP A 282 -2.99 -4.10 43.98
N ASP A 283 -2.72 -4.38 42.71
CA ASP A 283 -3.28 -3.57 41.63
C ASP A 283 -4.80 -3.75 41.56
N ALA A 284 -5.26 -5.00 41.53
CA ALA A 284 -6.67 -5.30 41.46
C ALA A 284 -7.42 -4.63 42.61
N ASN A 285 -6.86 -4.71 43.81
CA ASN A 285 -7.46 -4.10 44.99
C ASN A 285 -7.60 -2.60 44.88
N ARG A 286 -6.53 -1.92 44.46
CA ARG A 286 -6.55 -0.47 44.33
C ARG A 286 -7.69 -0.02 43.39
N TRP A 287 -7.77 -0.67 42.23
CA TRP A 287 -8.78 -0.37 41.23
C TRP A 287 -10.20 -0.57 41.77
N LEU A 288 -10.49 -1.78 42.25
CA LEU A 288 -11.80 -2.06 42.79
C LEU A 288 -12.15 -1.22 44.01
N ASP A 289 -11.14 -0.76 44.74
CA ASP A 289 -11.40 0.09 45.91
C ASP A 289 -11.83 1.47 45.44
N TYR A 290 -11.20 1.96 44.38
CA TYR A 290 -11.54 3.28 43.84
C TYR A 290 -13.00 3.31 43.39
N TRP A 291 -13.49 2.17 42.92
CA TRP A 291 -14.87 2.07 42.47
C TRP A 291 -15.86 1.87 43.62
N THR A 292 -15.36 1.55 44.81
CA THR A 292 -16.25 1.30 45.93
C THR A 292 -16.09 2.26 47.11
N VAL A 293 -14.97 2.13 47.82
CA VAL A 293 -14.70 2.94 49.00
C VAL A 293 -13.80 4.14 48.74
N GLY A 294 -13.08 4.09 47.62
CA GLY A 294 -12.17 5.15 47.26
C GLY A 294 -10.76 4.91 47.78
N VAL A 295 -9.78 5.48 47.10
CA VAL A 295 -8.38 5.35 47.49
C VAL A 295 -7.76 6.73 47.57
N ASN A 296 -7.22 7.06 48.73
CA ASN A 296 -6.59 8.36 48.97
C ASN A 296 -7.58 9.50 48.79
N GLY A 297 -8.79 9.30 49.26
CA GLY A 297 -9.81 10.32 49.14
C GLY A 297 -10.55 10.41 47.82
N GLN A 298 -10.02 9.73 46.81
CA GLN A 298 -10.60 9.73 45.47
C GLN A 298 -11.43 8.47 45.19
N ARG A 299 -12.60 8.68 44.59
CA ARG A 299 -13.55 7.61 44.35
C ARG A 299 -14.36 7.96 43.10
N VAL A 300 -14.77 6.94 42.36
CA VAL A 300 -15.56 7.16 41.15
C VAL A 300 -16.85 7.90 41.53
N PRO A 301 -17.29 8.85 40.69
CA PRO A 301 -18.52 9.59 40.98
C PRO A 301 -19.72 8.67 41.12
N TYR A 302 -20.54 8.94 42.14
CA TYR A 302 -21.75 8.17 42.40
C TYR A 302 -22.97 9.07 42.37
N SER A 303 -24.06 8.58 41.80
CA SER A 303 -25.30 9.35 41.75
C SER A 303 -25.99 9.13 43.10
N PRO A 304 -26.92 10.02 43.48
CA PRO A 304 -27.66 9.79 44.73
C PRO A 304 -28.42 8.47 44.69
N GLY A 305 -28.81 8.07 43.48
CA GLY A 305 -29.54 6.83 43.31
C GLY A 305 -28.68 5.60 43.54
N GLY A 306 -27.36 5.79 43.54
CA GLY A 306 -26.45 4.69 43.78
C GLY A 306 -25.73 4.14 42.57
N MET A 307 -25.74 4.89 41.48
CA MET A 307 -25.09 4.45 40.25
C MET A 307 -23.67 4.97 40.19
N ALA A 308 -22.74 4.12 39.75
CA ALA A 308 -21.34 4.52 39.60
C ALA A 308 -21.22 5.12 38.19
N VAL A 309 -21.00 6.42 38.10
CA VAL A 309 -20.90 7.12 36.82
C VAL A 309 -19.45 7.48 36.50
N LEU A 310 -18.84 6.68 35.62
CA LEU A 310 -17.46 6.91 35.24
C LEU A 310 -17.27 7.97 34.17
N ASP A 311 -18.17 8.01 33.19
CA ASP A 311 -18.08 8.95 32.10
C ASP A 311 -19.44 9.13 31.43
N THR A 312 -19.53 10.11 30.54
CA THR A 312 -20.77 10.41 29.82
C THR A 312 -21.21 9.32 28.85
N TRP A 313 -20.26 8.64 28.23
CA TRP A 313 -20.55 7.62 27.23
C TRP A 313 -20.59 6.22 27.77
N GLY A 314 -21.70 5.52 27.50
CA GLY A 314 -21.85 4.15 27.96
C GLY A 314 -21.62 4.01 29.44
N ALA A 315 -22.19 4.93 30.21
CA ALA A 315 -22.03 4.92 31.66
C ALA A 315 -22.39 3.56 32.24
N LEU A 316 -23.54 3.03 31.84
CA LEU A 316 -24.00 1.74 32.33
C LEU A 316 -23.10 0.58 31.88
N ARG A 317 -22.56 0.70 30.68
CA ARG A 317 -21.65 -0.30 30.12
C ARG A 317 -20.40 -0.37 31.00
N TYR A 318 -19.89 0.79 31.41
CA TYR A 318 -18.70 0.83 32.26
C TYR A 318 -19.01 0.21 33.63
N ALA A 319 -20.13 0.60 34.25
CA ALA A 319 -20.50 0.06 35.55
C ALA A 319 -20.69 -1.46 35.46
N ALA A 320 -21.31 -1.91 34.38
CA ALA A 320 -21.57 -3.32 34.15
C ALA A 320 -20.27 -4.10 33.96
N ASN A 321 -19.33 -3.51 33.23
CA ASN A 321 -18.03 -4.15 33.00
C ASN A 321 -17.32 -4.36 34.33
N THR A 322 -17.32 -3.32 35.17
CA THR A 322 -16.67 -3.41 36.48
C THR A 322 -17.38 -4.44 37.36
N ALA A 323 -18.71 -4.46 37.30
CA ALA A 323 -19.53 -5.38 38.09
C ALA A 323 -19.15 -6.83 37.79
N PHE A 324 -18.95 -7.14 36.52
CA PHE A 324 -18.57 -8.50 36.15
C PHE A 324 -17.22 -8.90 36.75
N VAL A 325 -16.19 -8.09 36.52
CA VAL A 325 -14.88 -8.41 37.05
C VAL A 325 -14.89 -8.45 38.57
N ALA A 326 -15.67 -7.59 39.21
CA ALA A 326 -15.76 -7.58 40.67
C ALA A 326 -16.30 -8.91 41.17
N LEU A 327 -17.25 -9.49 40.44
CA LEU A 327 -17.83 -10.78 40.79
C LEU A 327 -16.80 -11.91 40.66
N VAL A 328 -15.96 -11.83 39.63
CA VAL A 328 -14.92 -12.84 39.42
C VAL A 328 -13.91 -12.74 40.55
N TYR A 329 -13.44 -11.52 40.81
CA TYR A 329 -12.45 -11.28 41.86
C TYR A 329 -12.96 -11.67 43.24
N ALA A 330 -14.21 -11.32 43.54
CA ALA A 330 -14.82 -11.62 44.83
C ALA A 330 -14.71 -13.10 45.20
N LYS A 331 -14.50 -13.94 44.21
CA LYS A 331 -14.39 -15.37 44.47
C LYS A 331 -12.97 -15.84 44.78
N VAL A 332 -11.97 -15.13 44.27
CA VAL A 332 -10.59 -15.52 44.49
C VAL A 332 -9.97 -14.93 45.76
N ILE A 333 -10.39 -13.73 46.13
CA ILE A 333 -9.84 -13.07 47.31
C ILE A 333 -10.35 -13.69 48.61
N ASP A 334 -9.46 -13.77 49.60
CA ASP A 334 -9.80 -14.36 50.89
C ASP A 334 -10.39 -13.39 51.91
N ASP A 335 -9.98 -12.13 51.82
CA ASP A 335 -10.46 -11.10 52.73
C ASP A 335 -11.99 -11.01 52.69
N PRO A 336 -12.67 -11.38 53.80
CA PRO A 336 -14.13 -11.38 53.89
C PRO A 336 -14.74 -10.00 53.65
N VAL A 337 -14.06 -8.96 54.13
CA VAL A 337 -14.54 -7.60 53.97
C VAL A 337 -14.50 -7.18 52.50
N ARG A 338 -13.40 -7.46 51.81
CA ARG A 338 -13.28 -7.11 50.39
C ARG A 338 -14.19 -7.98 49.54
N LYS A 339 -14.33 -9.24 49.90
CA LYS A 339 -15.20 -10.16 49.16
C LYS A 339 -16.62 -9.61 49.16
N GLN A 340 -17.11 -9.23 50.33
CA GLN A 340 -18.45 -8.68 50.46
C GLN A 340 -18.58 -7.34 49.73
N ARG A 341 -17.61 -6.45 49.95
CA ARG A 341 -17.60 -5.12 49.34
C ARG A 341 -17.72 -5.17 47.83
N TYR A 342 -16.88 -5.97 47.20
CA TYR A 342 -16.89 -6.09 45.74
C TYR A 342 -18.14 -6.79 45.22
N HIS A 343 -18.49 -7.92 45.85
CA HIS A 343 -19.68 -8.66 45.42
C HIS A 343 -20.94 -7.82 45.51
N ASP A 344 -21.13 -7.12 46.62
CA ASP A 344 -22.31 -6.29 46.81
C ASP A 344 -22.36 -5.11 45.86
N PHE A 345 -21.19 -4.59 45.52
CA PHE A 345 -21.08 -3.47 44.59
C PHE A 345 -21.62 -3.94 43.24
N ALA A 346 -21.15 -5.11 42.80
CA ALA A 346 -21.56 -5.67 41.53
C ALA A 346 -23.06 -5.84 41.43
N VAL A 347 -23.66 -6.52 42.41
CA VAL A 347 -25.10 -6.75 42.42
C VAL A 347 -25.88 -5.44 42.41
N ARG A 348 -25.41 -4.45 43.15
CA ARG A 348 -26.06 -3.15 43.20
C ARG A 348 -26.07 -2.45 41.84
N GLN A 349 -24.96 -2.54 41.10
CA GLN A 349 -24.89 -1.90 39.79
C GLN A 349 -25.74 -2.59 38.73
N ILE A 350 -25.77 -3.92 38.74
CA ILE A 350 -26.58 -4.66 37.77
C ILE A 350 -28.06 -4.42 38.07
N ASN A 351 -28.42 -4.45 39.35
CA ASN A 351 -29.79 -4.22 39.77
C ASN A 351 -30.26 -2.83 39.40
N TYR A 352 -29.36 -1.86 39.47
CA TYR A 352 -29.71 -0.49 39.09
C TYR A 352 -30.12 -0.47 37.61
N ALA A 353 -29.35 -1.17 36.78
CA ALA A 353 -29.62 -1.24 35.35
C ALA A 353 -30.94 -1.99 35.08
N LEU A 354 -31.27 -2.94 35.94
CA LEU A 354 -32.49 -3.71 35.76
C LEU A 354 -33.74 -3.06 36.34
N GLY A 355 -33.60 -1.93 37.01
CA GLY A 355 -34.77 -1.25 37.55
C GLY A 355 -34.68 -0.68 38.94
N ASP A 356 -33.71 -1.12 39.72
CA ASP A 356 -33.56 -0.63 41.09
C ASP A 356 -32.89 0.74 41.11
N ASN A 357 -33.65 1.76 40.73
CA ASN A 357 -33.13 3.13 40.66
C ASN A 357 -34.25 4.12 40.98
N PRO A 358 -33.94 5.43 41.07
CA PRO A 358 -34.95 6.43 41.43
C PRO A 358 -36.09 6.53 40.43
N ARG A 359 -35.84 6.07 39.20
CA ARG A 359 -36.87 6.12 38.17
C ARG A 359 -37.69 4.84 38.18
N ASN A 360 -37.24 3.83 38.89
CA ASN A 360 -37.98 2.61 38.99
C ASN A 360 -38.13 1.97 37.60
N SER A 361 -37.20 2.30 36.71
CA SER A 361 -37.29 1.79 35.31
C SER A 361 -36.07 1.06 34.82
N SER A 362 -36.31 0.03 34.04
CA SER A 362 -35.27 -0.78 33.46
C SER A 362 -34.54 0.00 32.38
N TYR A 363 -33.25 -0.30 32.19
CA TYR A 363 -32.45 0.35 31.18
C TYR A 363 -32.10 -0.69 30.11
N VAL A 364 -32.86 -1.78 30.11
CA VAL A 364 -32.69 -2.87 29.17
C VAL A 364 -33.96 -2.91 28.31
N VAL A 365 -33.80 -2.64 27.02
CA VAL A 365 -34.93 -2.61 26.10
C VAL A 365 -35.74 -3.92 26.16
N GLY A 366 -37.05 -3.77 26.19
CA GLY A 366 -37.93 -4.92 26.25
C GLY A 366 -37.88 -5.75 27.52
N PHE A 367 -37.36 -5.19 28.60
CA PHE A 367 -37.27 -5.92 29.86
C PHE A 367 -37.69 -5.08 31.06
N GLY A 368 -38.34 -5.73 32.03
CA GLY A 368 -38.74 -5.08 33.26
C GLY A 368 -39.77 -3.96 33.18
N ASN A 369 -39.71 -3.07 34.16
CA ASN A 369 -40.64 -1.98 34.24
C ASN A 369 -40.23 -0.71 33.52
N ASN A 370 -41.14 -0.20 32.69
CA ASN A 370 -40.93 1.03 31.94
C ASN A 370 -39.58 1.11 31.23
N PRO A 371 -39.27 0.11 30.38
CA PRO A 371 -37.99 0.09 29.67
C PRO A 371 -37.93 1.12 28.55
N PRO A 372 -36.72 1.40 28.04
CA PRO A 372 -36.59 2.29 26.90
C PRO A 372 -37.33 1.69 25.70
N ARG A 373 -37.95 2.55 24.89
CA ARG A 373 -38.69 2.09 23.72
C ARG A 373 -38.06 2.54 22.42
N ASN A 374 -37.26 3.59 22.49
CA ASN A 374 -36.64 4.14 21.29
C ASN A 374 -35.12 4.21 21.30
N PRO A 375 -34.46 3.04 21.40
CA PRO A 375 -33.00 3.06 21.31
C PRO A 375 -32.53 3.59 19.95
N HIS A 376 -31.35 4.21 19.96
CA HIS A 376 -30.73 4.77 18.77
C HIS A 376 -30.21 3.63 17.90
N HIS A 377 -31.11 3.00 17.14
CA HIS A 377 -30.75 1.85 16.31
C HIS A 377 -31.53 1.96 15.00
N ARG A 378 -30.80 2.01 13.88
CA ARG A 378 -31.43 2.12 12.57
C ARG A 378 -32.45 1.06 12.19
N THR A 379 -32.06 -0.21 12.24
CA THR A 379 -32.98 -1.27 11.86
C THR A 379 -34.16 -1.45 12.82
N ALA A 380 -33.94 -1.27 14.11
CA ALA A 380 -35.02 -1.40 15.07
C ALA A 380 -36.04 -0.30 14.85
N HIS A 381 -35.57 0.88 14.46
CA HIS A 381 -36.45 2.01 14.21
C HIS A 381 -37.34 1.71 12.99
N GLY A 382 -36.72 1.35 11.87
CA GLY A 382 -37.46 1.01 10.68
C GLY A 382 -37.97 2.18 9.85
N SER A 383 -37.21 3.25 9.81
CA SER A 383 -37.59 4.44 9.05
C SER A 383 -37.51 4.12 7.57
N TRP A 384 -38.44 4.68 6.80
CA TRP A 384 -38.43 4.46 5.35
C TRP A 384 -38.20 5.76 4.60
N THR A 385 -37.94 6.84 5.35
CA THR A 385 -37.72 8.15 4.76
C THR A 385 -36.36 8.77 5.06
N ASP A 386 -35.40 7.95 5.46
CA ASP A 386 -34.06 8.45 5.78
C ASP A 386 -34.15 9.54 6.85
N SER A 387 -34.97 9.29 7.86
CA SER A 387 -35.16 10.25 8.93
C SER A 387 -35.19 9.58 10.30
N ILE A 388 -34.37 10.10 11.22
CA ILE A 388 -34.31 9.56 12.57
C ILE A 388 -35.57 9.96 13.34
N ALA A 389 -36.30 10.94 12.81
CA ALA A 389 -37.51 11.42 13.46
C ALA A 389 -38.81 10.68 13.12
N SER A 390 -38.86 9.96 12.00
CA SER A 390 -40.08 9.25 11.59
C SER A 390 -39.83 7.79 11.24
N PRO A 391 -40.70 6.88 11.71
CA PRO A 391 -41.86 7.15 12.57
C PRO A 391 -41.44 7.55 14.00
N ALA A 392 -42.39 8.05 14.78
CA ALA A 392 -42.09 8.49 16.14
C ALA A 392 -41.49 7.41 17.05
N GLU A 393 -42.11 6.24 17.07
CA GLU A 393 -41.64 5.14 17.90
C GLU A 393 -40.92 4.13 17.04
N ASN A 394 -39.97 3.42 17.62
CA ASN A 394 -39.25 2.38 16.88
C ASN A 394 -40.28 1.33 16.45
N ARG A 395 -40.17 0.81 15.23
CA ARG A 395 -41.12 -0.18 14.77
C ARG A 395 -40.87 -1.57 15.36
N HIS A 396 -39.67 -1.80 15.89
CA HIS A 396 -39.35 -3.11 16.44
C HIS A 396 -38.82 -3.03 17.86
N VAL A 397 -38.94 -4.11 18.61
CA VAL A 397 -38.45 -4.11 19.97
C VAL A 397 -37.10 -4.83 19.98
N LEU A 398 -36.03 -4.08 20.22
CA LEU A 398 -34.69 -4.64 20.27
C LEU A 398 -34.46 -5.26 21.64
N TYR A 399 -35.16 -6.35 21.92
CA TYR A 399 -35.05 -7.05 23.20
C TYR A 399 -33.64 -7.28 23.69
N GLY A 400 -33.38 -6.92 24.94
CA GLY A 400 -32.08 -7.17 25.53
C GLY A 400 -30.99 -6.13 25.51
N ALA A 401 -31.11 -5.11 24.67
CA ALA A 401 -30.09 -4.08 24.58
C ALA A 401 -30.00 -3.16 25.79
N LEU A 402 -28.79 -3.02 26.33
CA LEU A 402 -28.54 -2.14 27.46
C LEU A 402 -28.21 -0.78 26.87
N VAL A 403 -28.94 0.26 27.26
CA VAL A 403 -28.68 1.58 26.70
C VAL A 403 -27.54 2.26 27.47
N GLY A 404 -27.08 3.40 26.97
CA GLY A 404 -26.01 4.13 27.64
C GLY A 404 -26.42 4.52 29.05
N GLY A 405 -27.66 4.99 29.19
CA GLY A 405 -28.16 5.39 30.49
C GLY A 405 -27.75 6.78 30.90
N PRO A 406 -27.98 7.15 32.17
CA PRO A 406 -27.62 8.47 32.70
C PRO A 406 -26.13 8.76 32.50
N GLY A 407 -25.83 9.88 31.84
CA GLY A 407 -24.46 10.24 31.58
C GLY A 407 -23.85 11.06 32.70
N SER A 408 -24.67 11.47 33.65
CA SER A 408 -24.21 12.25 34.78
C SER A 408 -24.64 11.58 36.09
N PRO A 409 -23.95 11.89 37.20
CA PRO A 409 -24.32 11.29 38.48
C PRO A 409 -25.56 11.96 39.12
N ASN A 410 -26.67 11.99 38.37
CA ASN A 410 -27.90 12.60 38.86
C ASN A 410 -29.13 11.74 38.58
N ASP A 411 -28.91 10.53 38.07
CA ASP A 411 -29.99 9.59 37.77
C ASP A 411 -31.01 10.09 36.73
N ALA A 412 -30.69 11.16 36.03
CA ALA A 412 -31.60 11.73 35.03
C ALA A 412 -31.50 10.99 33.70
N TYR A 413 -32.64 10.77 33.06
CA TYR A 413 -32.67 10.07 31.78
C TYR A 413 -33.98 10.30 31.01
N THR A 414 -33.86 10.49 29.70
CA THR A 414 -35.01 10.68 28.83
C THR A 414 -34.87 9.72 27.65
N ASP A 415 -35.91 8.92 27.42
CA ASP A 415 -35.95 7.95 26.35
C ASP A 415 -36.14 8.67 25.01
N ASP A 416 -35.04 9.11 24.43
CA ASP A 416 -35.07 9.85 23.18
C ASP A 416 -34.10 9.21 22.20
N ARG A 417 -34.64 8.74 21.07
CA ARG A 417 -33.82 8.10 20.03
C ARG A 417 -32.74 9.02 19.48
N GLN A 418 -33.00 10.32 19.52
CA GLN A 418 -32.04 11.28 19.01
C GLN A 418 -30.91 11.59 19.99
N ASP A 419 -31.03 11.06 21.20
CA ASP A 419 -30.00 11.26 22.22
C ASP A 419 -29.03 10.09 22.09
N TYR A 420 -27.96 10.29 21.33
CA TYR A 420 -26.97 9.25 21.14
C TYR A 420 -26.12 8.95 22.37
N VAL A 421 -26.34 9.70 23.44
CA VAL A 421 -25.60 9.46 24.67
C VAL A 421 -26.41 8.47 25.52
N ALA A 422 -27.59 8.90 25.95
CA ALA A 422 -28.46 8.09 26.76
C ALA A 422 -29.02 6.85 26.08
N ASN A 423 -29.40 6.98 24.81
CA ASN A 423 -30.00 5.86 24.10
C ASN A 423 -29.15 5.06 23.14
N GLU A 424 -27.83 5.23 23.21
CA GLU A 424 -26.94 4.48 22.35
C GLU A 424 -26.93 3.02 22.81
N VAL A 425 -26.82 2.10 21.85
CA VAL A 425 -26.75 0.66 22.12
C VAL A 425 -25.55 0.16 21.32
N ALA A 426 -24.92 -0.95 21.75
CA ALA A 426 -23.74 -1.46 21.05
C ALA A 426 -23.37 -2.86 21.53
N THR A 427 -22.66 -3.62 20.69
CA THR A 427 -22.26 -4.98 21.08
C THR A 427 -21.44 -5.01 22.36
N ASP A 428 -20.54 -4.04 22.54
CA ASP A 428 -19.71 -4.04 23.74
C ASP A 428 -20.51 -3.65 25.00
N TYR A 429 -21.60 -2.93 24.83
CA TYR A 429 -22.44 -2.52 25.95
C TYR A 429 -23.03 -3.73 26.67
N ASN A 430 -23.36 -4.76 25.89
CA ASN A 430 -23.95 -5.98 26.45
C ASN A 430 -22.97 -7.09 26.82
N ALA A 431 -21.67 -6.89 26.57
CA ALA A 431 -20.67 -7.91 26.85
C ALA A 431 -20.45 -8.18 28.34
N GLY A 432 -19.95 -7.19 29.08
CA GLY A 432 -19.72 -7.39 30.51
C GLY A 432 -21.04 -7.66 31.22
N PHE A 433 -22.08 -6.94 30.79
CA PHE A 433 -23.43 -7.07 31.34
C PHE A 433 -23.91 -8.54 31.30
N SER A 434 -23.80 -9.16 30.13
CA SER A 434 -24.21 -10.56 29.95
C SER A 434 -23.44 -11.49 30.87
N SER A 435 -22.13 -11.30 30.92
CA SER A 435 -21.26 -12.12 31.77
C SER A 435 -21.66 -11.99 33.23
N ALA A 436 -22.02 -10.77 33.64
CA ALA A 436 -22.44 -10.53 35.01
C ALA A 436 -23.74 -11.28 35.25
N LEU A 437 -24.67 -11.18 34.30
CA LEU A 437 -25.95 -11.86 34.43
C LEU A 437 -25.78 -13.37 34.59
N ALA A 438 -24.82 -13.95 33.87
CA ALA A 438 -24.57 -15.40 33.95
C ALA A 438 -24.17 -15.78 35.37
N MET A 439 -23.33 -14.96 36.00
CA MET A 439 -22.87 -15.19 37.37
C MET A 439 -24.07 -15.11 38.30
N LEU A 440 -24.87 -14.06 38.16
CA LEU A 440 -26.04 -13.85 39.00
C LEU A 440 -27.10 -14.93 38.87
N VAL A 441 -27.26 -15.51 37.68
CA VAL A 441 -28.23 -16.57 37.50
C VAL A 441 -27.77 -17.79 38.30
N GLU A 442 -26.48 -18.06 38.26
CA GLU A 442 -25.91 -19.20 38.97
C GLU A 442 -26.11 -19.05 40.48
N GLU A 443 -25.99 -17.82 40.98
CA GLU A 443 -26.14 -17.55 42.41
C GLU A 443 -27.56 -17.31 42.90
N TYR A 444 -28.34 -16.52 42.16
CA TYR A 444 -29.70 -16.20 42.57
C TYR A 444 -30.81 -16.89 41.80
N GLY A 445 -30.45 -17.51 40.68
CA GLY A 445 -31.44 -18.20 39.87
C GLY A 445 -32.30 -17.29 39.00
N GLY A 446 -33.47 -17.80 38.63
CA GLY A 446 -34.39 -17.06 37.78
C GLY A 446 -34.82 -18.02 36.71
N THR A 447 -35.96 -17.76 36.06
CA THR A 447 -36.44 -18.64 35.01
C THR A 447 -36.68 -17.91 33.70
N PRO A 448 -36.20 -18.47 32.59
CA PRO A 448 -36.40 -17.86 31.27
C PRO A 448 -37.86 -17.96 30.82
N LEU A 449 -38.27 -17.08 29.91
CA LEU A 449 -39.63 -17.11 29.40
C LEU A 449 -39.78 -18.30 28.45
N ALA A 450 -40.84 -19.09 28.63
CA ALA A 450 -41.08 -20.25 27.77
C ALA A 450 -41.30 -19.85 26.31
N ASP A 451 -42.13 -18.84 26.08
CA ASP A 451 -42.39 -18.41 24.71
C ASP A 451 -41.75 -17.06 24.38
N PHE A 452 -40.50 -17.13 23.94
CA PHE A 452 -39.74 -15.95 23.58
C PHE A 452 -38.89 -16.43 22.41
N PRO A 453 -38.74 -15.61 21.35
CA PRO A 453 -39.26 -14.26 21.14
C PRO A 453 -40.72 -14.25 20.68
N PRO A 454 -41.44 -13.16 20.99
CA PRO A 454 -42.80 -13.00 20.46
C PRO A 454 -42.68 -12.70 18.97
N THR A 455 -43.66 -13.12 18.17
CA THR A 455 -43.61 -12.82 16.76
C THR A 455 -44.30 -11.49 16.55
N GLU A 456 -43.59 -10.52 15.99
CA GLU A 456 -44.17 -9.20 15.73
C GLU A 456 -44.98 -9.25 14.45
N GLU A 457 -45.99 -8.39 14.36
CA GLU A 457 -46.81 -8.32 13.17
C GLU A 457 -46.68 -6.90 12.64
N PRO A 458 -46.67 -6.75 11.31
CA PRO A 458 -46.49 -5.43 10.67
C PRO A 458 -47.50 -4.39 11.14
N ASP A 459 -47.05 -3.13 11.16
CA ASP A 459 -47.90 -2.02 11.58
C ASP A 459 -48.84 -1.55 10.47
N GLY A 460 -48.90 -2.34 9.39
CA GLY A 460 -49.76 -2.01 8.26
C GLY A 460 -49.28 -2.75 7.03
N PRO A 461 -49.83 -2.45 5.83
CA PRO A 461 -49.35 -3.07 4.58
C PRO A 461 -47.92 -2.59 4.41
N GLU A 462 -47.00 -3.49 4.08
CA GLU A 462 -45.62 -3.09 3.90
C GLU A 462 -45.39 -2.53 2.51
N ILE A 463 -45.80 -3.29 1.50
CA ILE A 463 -45.65 -2.88 0.11
C ILE A 463 -47.06 -2.80 -0.45
N PHE A 464 -47.45 -1.62 -0.92
CA PHE A 464 -48.80 -1.45 -1.43
C PHE A 464 -48.92 -0.33 -2.43
N VAL A 465 -50.13 -0.15 -2.94
CA VAL A 465 -50.44 0.89 -3.92
C VAL A 465 -51.56 1.77 -3.38
N GLU A 466 -51.35 3.09 -3.46
CA GLU A 466 -52.34 4.07 -3.05
C GLU A 466 -52.82 4.69 -4.36
N ALA A 467 -54.08 5.10 -4.41
CA ALA A 467 -54.61 5.71 -5.62
C ALA A 467 -55.66 6.73 -5.29
N GLN A 468 -56.00 7.54 -6.28
CA GLN A 468 -57.02 8.57 -6.18
C GLN A 468 -57.30 9.05 -7.60
N ILE A 469 -58.48 9.63 -7.79
CA ILE A 469 -58.85 10.18 -9.08
C ILE A 469 -58.06 11.49 -9.19
N ASN A 470 -57.31 11.63 -10.27
CA ASN A 470 -56.51 12.82 -10.50
C ASN A 470 -57.36 13.93 -11.09
N THR A 471 -58.01 13.65 -12.21
CA THR A 471 -58.87 14.63 -12.88
C THR A 471 -60.16 13.90 -13.19
N PRO A 472 -61.30 14.45 -12.77
CA PRO A 472 -62.57 13.80 -13.11
C PRO A 472 -62.88 13.96 -14.59
N GLY A 473 -63.46 12.92 -15.18
CA GLY A 473 -63.80 12.94 -16.58
C GLY A 473 -64.89 11.92 -16.85
N THR A 474 -65.46 11.98 -18.06
CA THR A 474 -66.53 11.07 -18.43
C THR A 474 -66.11 10.11 -19.54
N THR A 475 -65.23 10.56 -20.42
CA THR A 475 -64.76 9.71 -21.50
C THR A 475 -63.43 9.05 -21.14
N PHE A 476 -62.98 9.27 -19.90
CA PHE A 476 -61.72 8.70 -19.46
C PHE A 476 -61.69 8.63 -17.94
N THR A 477 -60.68 7.93 -17.43
CA THR A 477 -60.45 7.81 -16.01
C THR A 477 -58.98 8.14 -15.88
N GLU A 478 -58.67 9.13 -15.05
CA GLU A 478 -57.29 9.51 -14.82
C GLU A 478 -56.99 9.23 -13.35
N ILE A 479 -56.14 8.26 -13.13
CA ILE A 479 -55.75 7.83 -11.80
C ILE A 479 -54.36 8.35 -11.45
N LYS A 480 -54.16 8.63 -10.18
CA LYS A 480 -52.85 9.02 -9.68
C LYS A 480 -52.52 7.90 -8.70
N ALA A 481 -51.61 7.02 -9.11
CA ALA A 481 -51.20 5.90 -8.27
C ALA A 481 -49.85 6.19 -7.64
N MET A 482 -49.62 5.61 -6.48
CA MET A 482 -48.38 5.78 -5.73
C MET A 482 -48.00 4.39 -5.23
N ILE A 483 -46.81 3.93 -5.58
CA ILE A 483 -46.35 2.63 -5.09
C ILE A 483 -45.51 2.92 -3.85
N ARG A 484 -45.79 2.21 -2.75
CA ARG A 484 -45.07 2.42 -1.50
C ARG A 484 -44.41 1.16 -1.00
N ASN A 485 -43.17 1.30 -0.54
CA ASN A 485 -42.43 0.19 0.03
C ASN A 485 -41.95 0.69 1.39
N GLN A 486 -42.73 0.38 2.41
CA GLN A 486 -42.44 0.77 3.78
C GLN A 486 -42.25 -0.51 4.58
N SER A 487 -41.62 -1.50 3.97
CA SER A 487 -41.41 -2.78 4.61
C SER A 487 -40.49 -2.68 5.82
N GLY A 488 -40.68 -3.61 6.76
CA GLY A 488 -39.85 -3.65 7.95
C GLY A 488 -39.84 -5.02 8.61
N TRP A 489 -40.45 -6.02 7.97
CA TRP A 489 -40.52 -7.37 8.54
C TRP A 489 -40.16 -8.48 7.55
N PRO A 490 -38.93 -8.46 7.01
CA PRO A 490 -37.89 -7.45 7.19
C PRO A 490 -37.97 -6.43 6.04
N ALA A 491 -37.12 -5.40 6.11
CA ALA A 491 -37.09 -4.40 5.06
C ALA A 491 -36.59 -5.12 3.83
N ARG A 492 -37.22 -4.88 2.69
CA ARG A 492 -36.81 -5.56 1.47
C ARG A 492 -36.91 -4.67 0.25
N MET A 493 -36.19 -5.06 -0.79
CA MET A 493 -36.14 -4.32 -2.04
C MET A 493 -37.25 -4.74 -3.00
N LEU A 494 -37.76 -3.79 -3.77
CA LEU A 494 -38.77 -4.06 -4.78
C LEU A 494 -38.23 -3.42 -6.05
N ASP A 495 -37.50 -4.20 -6.85
CA ASP A 495 -36.93 -3.68 -8.09
C ASP A 495 -37.50 -4.32 -9.36
N LYS A 496 -38.55 -5.13 -9.19
CA LYS A 496 -39.19 -5.79 -10.32
C LYS A 496 -40.68 -5.70 -10.21
N GLY A 497 -41.17 -4.51 -9.89
CA GLY A 497 -42.60 -4.31 -9.73
C GLY A 497 -43.37 -3.88 -10.97
N THR A 498 -44.59 -4.38 -11.04
CA THR A 498 -45.51 -4.03 -12.12
C THR A 498 -46.88 -4.09 -11.44
N PHE A 499 -47.85 -3.35 -11.96
CA PHE A 499 -49.17 -3.44 -11.39
C PHE A 499 -50.21 -3.41 -12.49
N ARG A 500 -51.36 -4.00 -12.19
CA ARG A 500 -52.43 -4.06 -13.15
C ARG A 500 -53.71 -3.40 -12.65
N TYR A 501 -54.37 -2.73 -13.59
CA TYR A 501 -55.63 -2.04 -13.34
C TYR A 501 -56.63 -2.67 -14.30
N TRP A 502 -57.58 -3.44 -13.78
CA TRP A 502 -58.59 -4.09 -14.62
C TRP A 502 -59.81 -3.21 -14.82
N PHE A 503 -60.41 -3.35 -16.00
CA PHE A 503 -61.61 -2.61 -16.34
C PHE A 503 -62.47 -3.43 -17.28
N THR A 504 -63.77 -3.16 -17.27
CA THR A 504 -64.72 -3.86 -18.13
C THR A 504 -65.06 -2.98 -19.32
N LEU A 505 -64.87 -3.52 -20.52
CA LEU A 505 -65.15 -2.80 -21.77
C LEU A 505 -66.64 -2.51 -21.81
N ASP A 506 -66.98 -1.27 -22.17
CA ASP A 506 -68.38 -0.86 -22.21
C ASP A 506 -69.01 -0.88 -23.60
N GLU A 507 -70.34 -0.83 -23.62
CA GLU A 507 -71.08 -0.84 -24.87
C GLU A 507 -70.72 0.38 -25.71
N GLY A 508 -70.32 0.15 -26.95
CA GLY A 508 -69.95 1.24 -27.83
C GLY A 508 -68.50 1.67 -27.77
N VAL A 509 -67.68 0.97 -27.00
CA VAL A 509 -66.26 1.32 -26.92
C VAL A 509 -65.41 0.27 -27.63
N ASP A 510 -64.65 0.73 -28.62
CA ASP A 510 -63.78 -0.15 -29.38
C ASP A 510 -62.44 -0.17 -28.65
N PRO A 511 -61.97 -1.37 -28.26
CA PRO A 511 -60.68 -1.48 -27.54
C PRO A 511 -59.53 -0.94 -28.36
N ALA A 512 -59.71 -0.90 -29.67
CA ALA A 512 -58.68 -0.40 -30.58
C ALA A 512 -58.55 1.12 -30.41
N ASP A 513 -59.58 1.73 -29.82
CA ASP A 513 -59.61 3.17 -29.62
C ASP A 513 -59.16 3.62 -28.24
N ILE A 514 -58.87 2.68 -27.35
CA ILE A 514 -58.43 3.02 -26.00
C ILE A 514 -56.96 3.42 -25.95
N THR A 515 -56.69 4.60 -25.41
CA THR A 515 -55.31 5.08 -25.29
C THR A 515 -54.95 5.30 -23.82
N VAL A 516 -53.71 4.98 -23.47
CA VAL A 516 -53.24 5.17 -22.10
C VAL A 516 -52.12 6.20 -22.19
N SER A 517 -52.28 7.33 -21.52
CA SER A 517 -51.27 8.38 -21.55
C SER A 517 -50.96 8.91 -20.15
N SER A 518 -49.93 9.75 -20.06
CA SER A 518 -49.53 10.30 -18.77
C SER A 518 -48.76 11.60 -18.96
N ALA A 519 -48.86 12.49 -17.98
CA ALA A 519 -48.16 13.77 -18.01
C ALA A 519 -47.06 13.72 -16.96
N TYR A 520 -47.03 12.64 -16.19
CA TYR A 520 -46.03 12.43 -15.16
C TYR A 520 -46.11 10.97 -14.74
N ASN A 521 -45.05 10.22 -15.00
CA ASN A 521 -45.02 8.81 -14.67
C ASN A 521 -43.57 8.42 -14.42
N GLN A 522 -43.26 7.96 -13.22
CA GLN A 522 -41.89 7.56 -12.92
C GLN A 522 -41.58 6.17 -13.47
N CYS A 523 -42.61 5.48 -13.95
CA CYS A 523 -42.46 4.15 -14.53
C CYS A 523 -42.82 4.26 -16.00
N ALA A 524 -42.92 3.15 -16.70
CA ALA A 524 -43.24 3.17 -18.13
C ALA A 524 -44.73 3.46 -18.41
N THR A 525 -45.00 4.07 -19.56
CA THR A 525 -46.35 4.38 -19.98
C THR A 525 -46.66 3.45 -21.16
N PRO A 526 -47.65 2.55 -20.99
CA PRO A 526 -47.96 1.54 -21.99
C PRO A 526 -48.74 2.04 -23.19
N GLU A 527 -48.57 1.35 -24.31
CA GLU A 527 -49.26 1.70 -25.54
C GLU A 527 -50.58 0.95 -25.64
N ASP A 528 -50.56 -0.35 -25.31
CA ASP A 528 -51.78 -1.16 -25.40
C ASP A 528 -52.43 -1.49 -24.08
N VAL A 529 -53.55 -2.18 -24.20
CA VAL A 529 -54.32 -2.68 -23.06
C VAL A 529 -54.32 -4.18 -23.33
N HIS A 530 -54.59 -4.98 -22.31
CA HIS A 530 -54.56 -6.43 -22.48
C HIS A 530 -55.90 -7.07 -22.25
N HIS A 531 -56.28 -7.97 -23.14
CA HIS A 531 -57.54 -8.65 -23.04
C HIS A 531 -57.41 -9.94 -22.25
N VAL A 532 -58.25 -10.09 -21.22
CA VAL A 532 -58.25 -11.30 -20.41
C VAL A 532 -59.23 -12.27 -21.07
N SER A 533 -60.52 -12.02 -20.87
CA SER A 533 -61.58 -12.84 -21.43
C SER A 533 -62.88 -12.04 -21.45
N GLY A 534 -63.75 -12.34 -22.41
CA GLY A 534 -65.01 -11.61 -22.50
C GLY A 534 -64.68 -10.15 -22.65
N ASP A 535 -65.21 -9.31 -21.77
CA ASP A 535 -64.90 -7.89 -21.86
C ASP A 535 -64.05 -7.38 -20.70
N LEU A 536 -63.29 -8.29 -20.12
CA LEU A 536 -62.37 -7.96 -19.04
C LEU A 536 -61.03 -7.63 -19.70
N TYR A 537 -60.50 -6.45 -19.39
CA TYR A 537 -59.22 -6.00 -19.92
C TYR A 537 -58.40 -5.42 -18.78
N TYR A 538 -57.11 -5.23 -19.03
CA TYR A 538 -56.26 -4.63 -18.02
C TYR A 538 -55.13 -3.80 -18.64
N VAL A 539 -54.69 -2.82 -17.87
CA VAL A 539 -53.61 -1.94 -18.24
C VAL A 539 -52.50 -2.36 -17.29
N GLU A 540 -51.28 -2.50 -17.79
CA GLU A 540 -50.17 -2.91 -16.94
C GLU A 540 -49.09 -1.85 -16.90
N ILE A 541 -48.76 -1.37 -15.71
CA ILE A 541 -47.72 -0.38 -15.55
C ILE A 541 -46.45 -1.12 -15.14
N ASP A 542 -45.38 -0.90 -15.90
CA ASP A 542 -44.10 -1.55 -15.68
C ASP A 542 -43.10 -0.66 -14.95
N CYS A 543 -42.73 -1.06 -13.74
CA CYS A 543 -41.74 -0.31 -12.94
C CYS A 543 -40.45 -1.09 -12.73
N THR A 544 -40.25 -2.17 -13.48
CA THR A 544 -39.04 -2.97 -13.31
C THR A 544 -37.80 -2.12 -13.60
N GLY A 545 -36.77 -2.28 -12.78
CA GLY A 545 -35.56 -1.50 -12.96
C GLY A 545 -35.52 -0.34 -11.98
N GLU A 546 -36.67 -0.03 -11.40
CA GLU A 546 -36.76 1.04 -10.42
C GLU A 546 -36.53 0.41 -9.05
N LYS A 547 -35.60 0.96 -8.29
CA LYS A 547 -35.28 0.44 -6.97
C LYS A 547 -36.14 1.11 -5.93
N ILE A 548 -37.27 0.50 -5.60
CA ILE A 548 -38.16 1.05 -4.61
C ILE A 548 -37.85 0.37 -3.28
N PHE A 549 -37.29 1.13 -2.35
CA PHE A 549 -36.92 0.59 -1.05
C PHE A 549 -37.11 1.61 0.08
N PRO A 550 -37.33 1.13 1.31
CA PRO A 550 -37.49 2.03 2.46
C PRO A 550 -36.15 2.65 2.87
N GLY A 551 -35.69 3.61 2.08
CA GLY A 551 -34.41 4.23 2.38
C GLY A 551 -34.37 5.72 2.07
N GLY A 552 -35.53 6.32 1.96
CA GLY A 552 -35.58 7.74 1.68
C GLY A 552 -36.93 8.18 1.18
N GLN A 553 -37.12 9.49 1.14
CA GLN A 553 -38.36 10.08 0.71
C GLN A 553 -38.69 9.71 -0.73
N SER A 554 -37.70 9.80 -1.61
CA SER A 554 -37.91 9.45 -3.03
C SER A 554 -37.70 7.97 -3.32
N GLU A 555 -36.85 7.34 -2.52
CA GLU A 555 -36.51 5.94 -2.72
C GLU A 555 -37.63 4.96 -2.43
N HIS A 556 -38.42 5.26 -1.41
CA HIS A 556 -39.50 4.37 -1.02
C HIS A 556 -40.77 4.40 -1.87
N ARG A 557 -40.84 5.29 -2.85
CA ARG A 557 -42.06 5.40 -3.66
C ARG A 557 -41.86 5.76 -5.13
N ARG A 558 -42.89 5.48 -5.92
CA ARG A 558 -42.90 5.83 -7.34
C ARG A 558 -44.29 6.33 -7.67
N GLU A 559 -44.35 7.55 -8.20
CA GLU A 559 -45.64 8.13 -8.57
C GLU A 559 -45.94 7.78 -10.01
N VAL A 560 -47.18 7.37 -10.26
CA VAL A 560 -47.64 7.00 -11.58
C VAL A 560 -48.99 7.62 -11.87
N GLN A 561 -49.04 8.55 -12.80
CA GLN A 561 -50.30 9.16 -13.19
C GLN A 561 -50.62 8.54 -14.55
N PHE A 562 -51.83 8.05 -14.73
CA PHE A 562 -52.20 7.46 -16.00
C PHE A 562 -53.67 7.67 -16.33
N ARG A 563 -53.92 8.06 -17.58
CA ARG A 563 -55.26 8.30 -18.07
C ARG A 563 -55.64 7.24 -19.10
N ILE A 564 -56.75 6.57 -18.86
CA ILE A 564 -57.25 5.55 -19.78
C ILE A 564 -58.43 6.24 -20.47
N ALA A 565 -58.25 6.58 -21.74
CA ALA A 565 -59.30 7.26 -22.50
C ALA A 565 -60.00 6.28 -23.42
N GLY A 566 -61.32 6.17 -23.28
CA GLY A 566 -62.07 5.24 -24.12
C GLY A 566 -63.09 5.93 -25.01
N GLY A 567 -63.24 7.24 -24.86
CA GLY A 567 -64.20 7.98 -25.66
C GLY A 567 -65.59 7.91 -25.06
N PRO A 568 -66.61 8.47 -25.76
CA PRO A 568 -67.98 8.38 -25.25
C PRO A 568 -68.40 6.92 -25.14
N GLY A 569 -69.01 6.57 -24.02
CA GLY A 569 -69.39 5.20 -23.80
C GLY A 569 -68.57 4.64 -22.66
N TRP A 570 -67.46 5.30 -22.36
CA TRP A 570 -66.58 4.89 -21.27
C TRP A 570 -67.40 4.96 -19.97
N ASP A 571 -67.37 3.87 -19.21
CA ASP A 571 -68.11 3.77 -17.96
C ASP A 571 -67.27 3.04 -16.90
N PRO A 572 -66.74 3.79 -15.92
CA PRO A 572 -65.89 3.21 -14.88
C PRO A 572 -66.64 2.49 -13.77
N SER A 573 -67.94 2.72 -13.64
CA SER A 573 -68.68 2.08 -12.56
C SER A 573 -68.70 0.55 -12.58
N ASN A 574 -68.35 -0.07 -13.70
CA ASN A 574 -68.31 -1.52 -13.74
C ASN A 574 -66.88 -2.03 -13.87
N ASP A 575 -65.92 -1.16 -13.59
CA ASP A 575 -64.50 -1.51 -13.66
C ASP A 575 -64.02 -2.02 -12.32
N TRP A 576 -63.42 -3.21 -12.34
CA TRP A 576 -62.93 -3.85 -11.13
C TRP A 576 -62.00 -2.99 -10.28
N SER A 577 -60.92 -2.50 -10.87
CA SER A 577 -59.96 -1.70 -10.12
C SER A 577 -60.44 -0.35 -9.65
N PHE A 578 -61.56 0.11 -10.20
CA PHE A 578 -62.11 1.42 -9.86
C PHE A 578 -62.78 1.44 -8.49
N GLN A 579 -63.19 0.26 -8.03
CA GLN A 579 -63.86 0.11 -6.73
C GLN A 579 -63.11 0.77 -5.57
N GLY A 580 -63.77 1.70 -4.89
CA GLY A 580 -63.17 2.34 -3.74
C GLY A 580 -62.23 3.50 -3.97
N ILE A 581 -61.90 3.81 -5.22
CA ILE A 581 -60.99 4.90 -5.51
C ILE A 581 -61.74 6.23 -5.41
N GLY A 582 -61.26 7.11 -4.54
CA GLY A 582 -61.89 8.40 -4.34
C GLY A 582 -60.99 9.57 -4.67
N ASN A 583 -61.29 10.73 -4.09
CA ASN A 583 -60.50 11.94 -4.35
C ASN A 583 -59.35 12.15 -3.37
N GLU A 584 -59.17 11.19 -2.47
CA GLU A 584 -58.09 11.25 -1.50
C GLU A 584 -57.20 10.03 -1.74
N LEU A 585 -55.90 10.25 -1.62
CA LEU A 585 -54.93 9.17 -1.81
C LEU A 585 -55.10 8.19 -0.66
N ALA A 586 -55.40 6.94 -1.01
CA ALA A 586 -55.59 5.89 -0.01
C ALA A 586 -55.28 4.56 -0.66
N PRO A 587 -55.02 3.51 0.14
CA PRO A 587 -54.71 2.18 -0.41
C PRO A 587 -55.76 1.70 -1.37
N ALA A 588 -55.32 1.21 -2.54
CA ALA A 588 -56.22 0.72 -3.57
C ALA A 588 -56.17 -0.81 -3.56
N PRO A 589 -57.12 -1.46 -2.88
CA PRO A 589 -57.06 -2.92 -2.73
C PRO A 589 -57.32 -3.71 -4.00
N TYR A 590 -57.86 -3.06 -5.02
CA TYR A 590 -58.17 -3.75 -6.28
C TYR A 590 -57.21 -3.53 -7.43
N ILE A 591 -56.07 -2.90 -7.13
CA ILE A 591 -55.00 -2.69 -8.08
C ILE A 591 -53.98 -3.70 -7.54
N VAL A 592 -53.55 -4.64 -8.37
CA VAL A 592 -52.61 -5.64 -7.90
C VAL A 592 -51.15 -5.34 -8.25
N LEU A 593 -50.29 -5.40 -7.26
CA LEU A 593 -48.85 -5.17 -7.42
C LEU A 593 -48.14 -6.52 -7.49
N TYR A 594 -47.24 -6.68 -8.45
CA TYR A 594 -46.51 -7.92 -8.61
C TYR A 594 -45.02 -7.69 -8.44
N ASP A 595 -44.36 -8.64 -7.79
CA ASP A 595 -42.94 -8.57 -7.57
C ASP A 595 -42.37 -9.72 -8.40
N ASP A 596 -41.91 -9.39 -9.59
CA ASP A 596 -41.36 -10.37 -10.50
C ASP A 596 -42.45 -11.37 -10.90
N GLY A 597 -43.68 -10.88 -11.03
CA GLY A 597 -44.76 -11.75 -11.44
C GLY A 597 -45.56 -12.37 -10.30
N VAL A 598 -45.08 -12.23 -9.07
CA VAL A 598 -45.77 -12.78 -7.92
C VAL A 598 -46.58 -11.69 -7.23
N PRO A 599 -47.89 -11.93 -7.04
CA PRO A 599 -48.77 -10.97 -6.37
C PRO A 599 -48.25 -10.64 -4.98
N VAL A 600 -48.24 -9.36 -4.64
CA VAL A 600 -47.76 -8.89 -3.34
C VAL A 600 -48.81 -8.00 -2.64
N TRP A 601 -49.73 -7.46 -3.42
CA TRP A 601 -50.76 -6.59 -2.87
C TRP A 601 -52.02 -6.57 -3.75
N GLY A 602 -53.18 -6.41 -3.10
CA GLY A 602 -54.43 -6.34 -3.82
C GLY A 602 -55.02 -7.67 -4.24
N THR A 603 -56.27 -7.64 -4.68
CA THR A 603 -56.95 -8.87 -5.10
C THR A 603 -57.43 -8.73 -6.56
N ALA A 604 -57.15 -9.74 -7.37
CA ALA A 604 -57.52 -9.73 -8.77
C ALA A 604 -58.96 -10.18 -9.01
N PRO A 605 -59.51 -9.96 -10.21
CA PRO A 605 -60.86 -10.39 -10.56
C PRO A 605 -60.95 -11.92 -10.66
N GLU B 1 2.96 23.99 -29.92
CA GLU B 1 3.03 22.54 -29.56
C GLU B 1 4.34 22.37 -28.79
N PRO B 2 4.85 21.14 -28.63
CA PRO B 2 6.10 21.09 -27.86
C PRO B 2 7.25 21.80 -28.55
N ALA B 3 7.91 22.68 -27.80
CA ALA B 3 9.05 23.42 -28.32
C ALA B 3 10.13 22.40 -28.64
N PHE B 4 10.25 21.40 -27.76
CA PHE B 4 11.23 20.32 -27.91
C PHE B 4 10.47 19.02 -27.68
N ASN B 5 10.95 17.93 -28.26
CA ASN B 5 10.27 16.66 -28.10
C ASN B 5 10.62 16.03 -26.75
N TYR B 6 9.83 16.36 -25.73
CA TYR B 6 10.06 15.86 -24.37
C TYR B 6 9.98 14.34 -24.26
N ALA B 7 9.14 13.72 -25.09
CA ALA B 7 8.98 12.27 -25.06
C ALA B 7 10.26 11.57 -25.52
N GLU B 8 10.87 12.11 -26.57
CA GLU B 8 12.10 11.54 -27.10
C GLU B 8 13.23 11.69 -26.08
N ALA B 9 13.30 12.85 -25.45
CA ALA B 9 14.32 13.11 -24.44
C ALA B 9 14.20 12.12 -23.27
N LEU B 10 12.97 11.90 -22.81
CA LEU B 10 12.71 10.96 -21.71
C LEU B 10 13.06 9.55 -22.16
N GLN B 11 12.70 9.22 -23.39
CA GLN B 11 12.99 7.90 -23.96
C GLN B 11 14.50 7.65 -23.91
N LYS B 12 15.28 8.66 -24.26
CA LYS B 12 16.73 8.55 -24.25
C LYS B 12 17.30 8.56 -22.84
N SER B 13 16.63 9.23 -21.92
CA SER B 13 17.08 9.27 -20.54
C SER B 13 17.00 7.86 -19.93
N MET B 14 15.96 7.12 -20.28
CA MET B 14 15.79 5.76 -19.78
C MET B 14 16.88 4.82 -20.30
N PHE B 15 17.34 5.07 -21.53
CA PHE B 15 18.40 4.27 -22.14
C PHE B 15 19.72 4.54 -21.39
N PHE B 16 19.92 5.78 -20.95
CA PHE B 16 21.11 6.16 -20.21
C PHE B 16 21.27 5.30 -18.96
N TYR B 17 20.19 5.15 -18.20
CA TYR B 17 20.22 4.35 -16.99
C TYR B 17 20.52 2.88 -17.28
N GLU B 18 20.06 2.39 -18.43
CA GLU B 18 20.32 1.02 -18.81
C GLU B 18 21.81 0.87 -19.13
N ALA B 19 22.42 1.94 -19.65
CA ALA B 19 23.84 1.93 -20.00
C ALA B 19 24.73 2.01 -18.77
N GLN B 20 24.14 2.37 -17.64
CA GLN B 20 24.88 2.49 -16.38
C GLN B 20 24.86 1.20 -15.56
N ARG B 21 24.19 0.17 -16.06
CA ARG B 21 24.07 -1.10 -15.34
C ARG B 21 25.37 -1.84 -15.09
N SER B 22 25.43 -2.50 -13.94
CA SER B 22 26.56 -3.31 -13.54
C SER B 22 26.03 -4.71 -13.30
N GLY B 23 26.92 -5.71 -13.30
CA GLY B 23 26.50 -7.07 -13.08
C GLY B 23 26.20 -7.79 -14.36
N LYS B 24 25.54 -8.95 -14.26
CA LYS B 24 25.20 -9.72 -15.43
C LYS B 24 23.96 -9.14 -16.11
N LEU B 25 24.10 -8.75 -17.36
CA LEU B 25 23.00 -8.15 -18.11
C LEU B 25 22.02 -9.17 -18.66
N PRO B 26 20.75 -8.76 -18.83
CA PRO B 26 19.69 -9.63 -19.34
C PRO B 26 19.79 -9.89 -20.84
N GLU B 27 19.03 -10.88 -21.30
CA GLU B 27 18.98 -11.24 -22.71
C GLU B 27 18.47 -10.07 -23.54
N ASN B 28 17.49 -9.36 -22.98
CA ASN B 28 16.85 -8.23 -23.64
C ASN B 28 17.65 -6.92 -23.64
N ASN B 29 18.91 -6.99 -23.21
CA ASN B 29 19.78 -5.80 -23.18
C ASN B 29 19.73 -4.96 -24.45
N ARG B 30 19.39 -3.69 -24.30
CA ARG B 30 19.28 -2.77 -25.43
C ARG B 30 20.59 -2.06 -25.80
N VAL B 31 21.54 -2.01 -24.87
CA VAL B 31 22.81 -1.34 -25.12
C VAL B 31 23.81 -2.38 -25.61
N SER B 32 23.96 -2.47 -26.93
CA SER B 32 24.86 -3.47 -27.52
C SER B 32 26.33 -3.35 -27.16
N TRP B 33 26.75 -2.17 -26.74
CA TRP B 33 28.14 -1.97 -26.38
C TRP B 33 28.42 -2.22 -24.91
N ARG B 34 27.45 -2.79 -24.20
CA ARG B 34 27.59 -3.11 -22.79
C ARG B 34 27.45 -4.62 -22.59
N GLY B 35 28.34 -5.19 -21.79
CA GLY B 35 28.32 -6.61 -21.52
C GLY B 35 28.42 -6.81 -20.02
N ASP B 36 28.57 -8.06 -19.58
CA ASP B 36 28.66 -8.35 -18.16
C ASP B 36 29.90 -7.72 -17.55
N SER B 37 29.77 -7.20 -16.33
CA SER B 37 30.88 -6.56 -15.64
C SER B 37 30.65 -6.57 -14.15
N GLY B 38 31.72 -6.38 -13.39
CA GLY B 38 31.61 -6.37 -11.94
C GLY B 38 31.00 -7.66 -11.42
N LEU B 39 31.30 -8.76 -12.08
CA LEU B 39 30.75 -10.06 -11.72
C LEU B 39 31.21 -10.65 -10.40
N ASN B 40 32.30 -10.13 -9.84
CA ASN B 40 32.80 -10.64 -8.57
C ASN B 40 32.56 -9.65 -7.45
N ASP B 41 31.60 -8.76 -7.64
CA ASP B 41 31.27 -7.77 -6.62
C ASP B 41 30.65 -8.43 -5.39
N GLY B 42 31.26 -8.18 -4.24
CA GLY B 42 30.78 -8.74 -2.99
C GLY B 42 31.57 -9.96 -2.58
N ALA B 43 32.33 -10.53 -3.51
CA ALA B 43 33.13 -11.72 -3.24
C ALA B 43 34.01 -11.59 -2.00
N ASP B 44 34.58 -10.41 -1.79
CA ASP B 44 35.46 -10.19 -0.66
C ASP B 44 34.76 -10.34 0.70
N VAL B 45 33.44 -10.29 0.71
CA VAL B 45 32.69 -10.44 1.95
C VAL B 45 31.70 -11.61 1.89
N GLY B 46 31.93 -12.50 0.93
CA GLY B 46 31.08 -13.67 0.78
C GLY B 46 29.65 -13.38 0.37
N LEU B 47 29.42 -12.23 -0.23
CA LEU B 47 28.07 -11.87 -0.67
C LEU B 47 27.97 -11.58 -2.15
N ASP B 48 26.76 -11.73 -2.69
CA ASP B 48 26.54 -11.42 -4.09
C ASP B 48 26.07 -9.97 -4.10
N LEU B 49 26.96 -9.07 -4.48
CA LEU B 49 26.60 -7.66 -4.56
C LEU B 49 26.69 -7.18 -6.00
N THR B 50 26.37 -8.07 -6.93
CA THR B 50 26.39 -7.72 -8.34
C THR B 50 25.12 -6.95 -8.67
N GLY B 51 25.17 -6.12 -9.70
CA GLY B 51 24.00 -5.36 -10.07
C GLY B 51 24.15 -3.90 -9.71
N GLY B 52 23.04 -3.16 -9.71
CA GLY B 52 23.10 -1.75 -9.39
C GLY B 52 23.61 -0.92 -10.56
N TRP B 53 23.87 0.35 -10.29
CA TRP B 53 24.35 1.28 -11.30
C TRP B 53 25.73 1.82 -10.97
N TYR B 54 26.48 2.15 -12.02
CA TYR B 54 27.78 2.75 -11.86
C TYR B 54 27.39 4.20 -11.66
N ASP B 55 28.06 4.89 -10.76
CA ASP B 55 27.70 6.27 -10.47
C ASP B 55 27.74 7.28 -11.62
N ALA B 56 28.92 7.47 -12.20
CA ALA B 56 29.06 8.46 -13.27
C ALA B 56 29.83 7.90 -14.45
N GLY B 57 30.96 8.51 -14.78
CA GLY B 57 31.77 8.04 -15.88
C GLY B 57 32.79 7.05 -15.34
N ASP B 58 32.60 6.66 -14.08
CA ASP B 58 33.51 5.71 -13.41
C ASP B 58 32.78 4.39 -13.16
N HIS B 59 33.37 3.52 -12.34
CA HIS B 59 32.77 2.23 -12.07
C HIS B 59 32.54 1.92 -10.59
N VAL B 60 32.53 2.96 -9.77
CA VAL B 60 32.28 2.78 -8.34
C VAL B 60 30.77 2.80 -8.14
N LYS B 61 30.28 1.93 -7.27
CA LYS B 61 28.85 1.89 -6.96
C LYS B 61 28.65 2.62 -5.63
N PHE B 62 28.35 3.91 -5.73
CA PHE B 62 28.13 4.79 -4.58
C PHE B 62 26.67 4.74 -4.15
N GLY B 63 26.43 4.07 -3.03
CA GLY B 63 25.07 3.91 -2.52
C GLY B 63 24.24 5.13 -2.19
N PHE B 64 24.87 6.20 -1.70
CA PHE B 64 24.12 7.41 -1.33
C PHE B 64 23.46 8.04 -2.58
N PRO B 65 24.25 8.49 -3.57
CA PRO B 65 23.61 9.07 -4.75
C PRO B 65 22.76 8.06 -5.54
N MET B 66 23.13 6.78 -5.49
CA MET B 66 22.36 5.77 -6.22
C MET B 66 20.95 5.68 -5.65
N ALA B 67 20.84 5.69 -4.32
CA ALA B 67 19.54 5.63 -3.67
C ALA B 67 18.74 6.90 -3.98
N PHE B 68 19.37 8.06 -3.86
CA PHE B 68 18.69 9.30 -4.15
C PHE B 68 18.13 9.30 -5.56
N THR B 69 18.94 8.84 -6.51
CA THR B 69 18.51 8.76 -7.89
C THR B 69 17.22 7.95 -7.96
N ALA B 70 17.19 6.80 -7.28
CA ALA B 70 16.01 5.95 -7.28
C ALA B 70 14.79 6.69 -6.73
N THR B 71 14.94 7.34 -5.58
CA THR B 71 13.82 8.08 -4.98
C THR B 71 13.27 9.16 -5.90
N MET B 72 14.14 9.89 -6.59
CA MET B 72 13.72 10.95 -7.51
C MET B 72 12.96 10.42 -8.72
N LEU B 73 13.45 9.31 -9.29
CA LEU B 73 12.82 8.70 -10.46
C LEU B 73 11.44 8.18 -10.07
N ALA B 74 11.34 7.55 -8.91
CA ALA B 74 10.06 7.02 -8.44
C ALA B 74 9.08 8.18 -8.22
N TRP B 75 9.57 9.25 -7.62
CA TRP B 75 8.74 10.44 -7.33
C TRP B 75 8.12 10.97 -8.62
N GLY B 76 8.93 11.10 -9.67
CA GLY B 76 8.42 11.59 -10.94
C GLY B 76 7.34 10.69 -11.51
N ALA B 77 7.55 9.36 -11.37
CA ALA B 77 6.60 8.38 -11.87
C ALA B 77 5.30 8.39 -11.10
N ILE B 78 5.36 8.81 -9.84
CA ILE B 78 4.19 8.91 -8.98
C ILE B 78 3.41 10.18 -9.35
N GLU B 79 4.14 11.27 -9.56
CA GLU B 79 3.53 12.55 -9.92
C GLU B 79 2.92 12.53 -11.30
N SER B 80 3.63 11.95 -12.27
CA SER B 80 3.15 11.91 -13.64
C SER B 80 3.26 10.53 -14.28
N PRO B 81 2.41 9.59 -13.86
CA PRO B 81 2.42 8.29 -14.55
C PRO B 81 2.00 8.46 -16.01
N GLU B 82 1.15 9.44 -16.27
CA GLU B 82 0.67 9.72 -17.63
C GLU B 82 1.81 10.08 -18.57
N GLY B 83 2.74 10.90 -18.07
CA GLY B 83 3.88 11.31 -18.86
C GLY B 83 4.66 10.10 -19.31
N TYR B 84 4.83 9.15 -18.40
CA TYR B 84 5.57 7.95 -18.71
C TYR B 84 4.75 6.99 -19.58
N ILE B 85 3.44 6.96 -19.36
CA ILE B 85 2.57 6.09 -20.15
C ILE B 85 2.48 6.59 -21.58
N ARG B 86 2.31 7.91 -21.75
CA ARG B 86 2.20 8.52 -23.08
C ARG B 86 3.50 8.43 -23.89
N SER B 87 4.64 8.60 -23.22
CA SER B 87 5.93 8.53 -23.91
C SER B 87 6.28 7.08 -24.21
N GLY B 88 5.48 6.15 -23.71
CA GLY B 88 5.70 4.73 -23.91
C GLY B 88 6.90 4.24 -23.13
N GLN B 89 7.31 5.03 -22.14
CA GLN B 89 8.45 4.72 -21.33
C GLN B 89 8.20 4.09 -19.97
N MET B 90 6.94 3.92 -19.59
CA MET B 90 6.65 3.32 -18.29
C MET B 90 7.31 1.97 -18.05
N PRO B 91 7.28 1.05 -19.03
CA PRO B 91 7.94 -0.24 -18.79
C PRO B 91 9.46 -0.11 -18.58
N TYR B 92 10.08 0.88 -19.22
CA TYR B 92 11.51 1.07 -19.06
C TYR B 92 11.81 1.69 -17.70
N LEU B 93 10.91 2.55 -17.22
CA LEU B 93 11.12 3.15 -15.92
C LEU B 93 11.08 2.04 -14.88
N LYS B 94 10.07 1.19 -14.98
CA LYS B 94 9.91 0.07 -14.06
C LYS B 94 11.07 -0.90 -14.12
N ASP B 95 11.59 -1.14 -15.31
CA ASP B 95 12.73 -2.04 -15.48
C ASP B 95 13.97 -1.44 -14.78
N ASN B 96 14.14 -0.14 -14.90
CA ASN B 96 15.26 0.55 -14.28
C ASN B 96 15.14 0.56 -12.76
N LEU B 97 13.94 0.83 -12.26
CA LEU B 97 13.72 0.84 -10.83
C LEU B 97 13.89 -0.55 -10.22
N ARG B 98 13.41 -1.56 -10.91
CA ARG B 98 13.53 -2.93 -10.42
C ARG B 98 15.01 -3.32 -10.38
N TRP B 99 15.77 -2.85 -11.37
CA TRP B 99 17.19 -3.17 -11.41
C TRP B 99 17.90 -2.65 -10.16
N VAL B 100 17.71 -1.37 -9.86
CA VAL B 100 18.36 -0.79 -8.69
C VAL B 100 17.82 -1.32 -7.35
N ASN B 101 16.53 -1.60 -7.27
CA ASN B 101 15.95 -2.11 -6.03
C ASN B 101 16.37 -3.55 -5.75
N ASP B 102 16.53 -4.35 -6.81
CA ASP B 102 16.98 -5.73 -6.64
C ASP B 102 18.36 -5.70 -5.99
N TYR B 103 19.13 -4.65 -6.28
CA TYR B 103 20.48 -4.52 -5.71
C TYR B 103 20.40 -4.09 -4.24
N PHE B 104 19.49 -3.17 -3.93
CA PHE B 104 19.33 -2.70 -2.56
C PHE B 104 18.93 -3.87 -1.65
N ILE B 105 18.18 -4.81 -2.20
CA ILE B 105 17.76 -5.99 -1.44
C ILE B 105 19.01 -6.83 -1.14
N LYS B 106 19.82 -7.08 -2.16
CA LYS B 106 21.06 -7.83 -2.00
C LYS B 106 21.98 -7.14 -0.97
N ALA B 107 22.08 -5.84 -1.09
CA ALA B 107 22.92 -5.03 -0.21
C ALA B 107 22.42 -4.92 1.23
N HIS B 108 21.23 -5.45 1.51
CA HIS B 108 20.66 -5.41 2.85
C HIS B 108 20.45 -6.84 3.35
N PRO B 109 21.56 -7.52 3.74
CA PRO B 109 21.52 -8.92 4.18
C PRO B 109 20.76 -9.14 5.49
N SER B 110 20.78 -8.15 6.37
CA SER B 110 20.08 -8.25 7.64
C SER B 110 19.63 -6.86 8.04
N PRO B 111 18.57 -6.75 8.87
CA PRO B 111 17.95 -5.47 9.24
C PRO B 111 18.84 -4.26 9.48
N ASN B 112 19.93 -4.43 10.22
CA ASN B 112 20.82 -3.31 10.52
C ASN B 112 22.15 -3.29 9.76
N VAL B 113 22.21 -3.97 8.60
CA VAL B 113 23.43 -4.00 7.81
C VAL B 113 23.14 -3.59 6.38
N LEU B 114 23.81 -2.52 5.93
CA LEU B 114 23.62 -2.02 4.57
C LEU B 114 24.95 -1.77 3.87
N TYR B 115 25.19 -2.47 2.75
CA TYR B 115 26.41 -2.26 1.97
C TYR B 115 26.16 -1.02 1.13
N VAL B 116 26.97 0.00 1.36
CA VAL B 116 26.83 1.28 0.69
C VAL B 116 27.86 1.63 -0.37
N GLN B 117 28.84 0.77 -0.59
CA GLN B 117 29.85 1.06 -1.60
C GLN B 117 30.58 -0.19 -2.05
N VAL B 118 30.75 -0.29 -3.36
CA VAL B 118 31.49 -1.40 -3.96
C VAL B 118 32.47 -0.71 -4.89
N GLY B 119 33.75 -0.88 -4.60
CA GLY B 119 34.78 -0.26 -5.41
C GLY B 119 35.44 0.84 -4.61
N ASP B 120 36.72 1.08 -4.89
CA ASP B 120 37.49 2.11 -4.22
C ASP B 120 37.68 3.28 -5.18
N GLY B 121 37.18 4.45 -4.79
CA GLY B 121 37.28 5.63 -5.63
C GLY B 121 38.63 5.91 -6.26
N ASP B 122 39.70 5.82 -5.48
CA ASP B 122 41.03 6.09 -6.00
C ASP B 122 41.59 5.04 -6.94
N ALA B 123 41.42 3.76 -6.60
CA ALA B 123 41.91 2.70 -7.46
C ALA B 123 41.14 2.71 -8.78
N ASP B 124 39.83 2.93 -8.68
CA ASP B 124 38.95 2.96 -9.85
C ASP B 124 39.25 4.11 -10.80
N HIS B 125 39.45 5.30 -10.25
CA HIS B 125 39.71 6.47 -11.07
C HIS B 125 41.09 6.54 -11.69
N LYS B 126 41.99 5.64 -11.28
CA LYS B 126 43.34 5.61 -11.84
C LYS B 126 43.39 4.97 -13.22
N TRP B 127 42.41 4.14 -13.51
CA TRP B 127 42.35 3.43 -14.78
C TRP B 127 41.25 3.99 -15.68
N TRP B 128 41.55 4.12 -16.97
CA TRP B 128 40.57 4.63 -17.93
C TRP B 128 40.31 3.56 -18.99
N GLY B 129 39.22 2.84 -18.83
CA GLY B 129 38.87 1.79 -19.78
C GLY B 129 37.46 1.28 -19.55
N PRO B 130 36.96 0.38 -20.41
CA PRO B 130 35.61 -0.20 -20.37
C PRO B 130 35.36 -1.02 -19.10
N ALA B 131 34.13 -0.97 -18.61
CA ALA B 131 33.75 -1.69 -17.40
C ALA B 131 33.93 -3.21 -17.46
N GLU B 132 33.71 -3.79 -18.63
CA GLU B 132 33.80 -5.23 -18.83
C GLU B 132 35.15 -5.87 -18.56
N VAL B 133 36.22 -5.08 -18.61
CA VAL B 133 37.54 -5.65 -18.40
C VAL B 133 38.34 -5.01 -17.25
N MET B 134 37.63 -4.44 -16.27
CA MET B 134 38.28 -3.82 -15.12
C MET B 134 39.32 -4.78 -14.53
N PRO B 135 40.57 -4.32 -14.39
CA PRO B 135 41.64 -5.17 -13.86
C PRO B 135 41.87 -5.08 -12.34
N MET B 136 41.36 -4.03 -11.70
CA MET B 136 41.57 -3.85 -10.26
C MET B 136 40.59 -4.52 -9.33
N GLU B 137 40.99 -4.62 -8.07
CA GLU B 137 40.19 -5.21 -7.01
C GLU B 137 39.09 -4.23 -6.65
N ARG B 138 37.93 -4.76 -6.25
CA ARG B 138 36.80 -3.92 -5.87
C ARG B 138 36.31 -4.33 -4.48
N PRO B 139 36.69 -3.57 -3.44
CA PRO B 139 36.30 -3.82 -2.05
C PRO B 139 34.85 -3.43 -1.75
N SER B 140 34.23 -4.10 -0.79
CA SER B 140 32.86 -3.82 -0.37
C SER B 140 32.92 -3.08 0.96
N PHE B 141 32.08 -2.06 1.14
CA PHE B 141 32.04 -1.29 2.38
C PHE B 141 30.58 -1.27 2.85
N LYS B 142 30.39 -1.18 4.16
CA LYS B 142 29.05 -1.18 4.74
C LYS B 142 28.91 -0.31 5.99
N VAL B 143 27.68 -0.14 6.43
CA VAL B 143 27.38 0.61 7.65
C VAL B 143 26.53 -0.34 8.49
N ASP B 144 26.70 -0.27 9.81
CA ASP B 144 25.96 -1.12 10.74
C ASP B 144 25.91 -0.41 12.11
N PRO B 145 25.36 -1.06 13.15
CA PRO B 145 25.33 -0.41 14.46
C PRO B 145 26.69 0.09 14.95
N SER B 146 27.74 -0.67 14.63
CA SER B 146 29.10 -0.31 15.05
C SER B 146 29.60 0.97 14.39
N CYS B 147 29.15 1.23 13.17
CA CYS B 147 29.53 2.43 12.44
C CYS B 147 28.37 2.73 11.52
N PRO B 148 27.39 3.50 12.02
CA PRO B 148 26.13 3.75 11.32
C PRO B 148 26.19 4.75 10.17
N GLY B 149 25.04 4.93 9.53
CA GLY B 149 24.91 5.86 8.42
C GLY B 149 23.44 6.17 8.26
N SER B 150 22.93 7.06 9.09
CA SER B 150 21.52 7.44 9.06
C SER B 150 21.11 8.07 7.72
N ASP B 151 21.99 8.88 7.15
CA ASP B 151 21.71 9.51 5.88
C ASP B 151 21.50 8.51 4.74
N VAL B 152 22.49 7.66 4.49
CA VAL B 152 22.38 6.69 3.40
C VAL B 152 21.33 5.61 3.65
N ALA B 153 21.13 5.20 4.90
CA ALA B 153 20.13 4.17 5.22
C ALA B 153 18.72 4.73 5.03
N ALA B 154 18.50 5.95 5.51
CA ALA B 154 17.19 6.59 5.38
C ALA B 154 16.89 6.87 3.93
N GLU B 155 17.93 7.19 3.15
CA GLU B 155 17.73 7.47 1.74
C GLU B 155 17.34 6.19 1.01
N THR B 156 18.04 5.10 1.30
CA THR B 156 17.73 3.81 0.68
C THR B 156 16.32 3.38 1.09
N ALA B 157 15.93 3.69 2.33
CA ALA B 157 14.60 3.35 2.82
C ALA B 157 13.57 4.13 1.99
N ALA B 158 13.83 5.42 1.77
CA ALA B 158 12.94 6.27 0.97
C ALA B 158 12.85 5.76 -0.46
N ALA B 159 13.98 5.31 -1.02
CA ALA B 159 14.01 4.81 -2.39
C ALA B 159 13.12 3.58 -2.55
N MET B 160 13.20 2.68 -1.57
CA MET B 160 12.43 1.45 -1.60
C MET B 160 10.96 1.72 -1.29
N ALA B 161 10.71 2.66 -0.39
CA ALA B 161 9.35 3.02 -0.03
C ALA B 161 8.68 3.67 -1.25
N ALA B 162 9.37 4.65 -1.85
CA ALA B 162 8.84 5.34 -3.02
C ALA B 162 8.61 4.40 -4.21
N SER B 163 9.53 3.46 -4.40
CA SER B 163 9.42 2.50 -5.50
C SER B 163 8.26 1.52 -5.31
N SER B 164 7.94 1.19 -4.05
CA SER B 164 6.87 0.25 -3.77
C SER B 164 5.54 0.78 -4.30
N ILE B 165 5.36 2.09 -4.22
CA ILE B 165 4.15 2.74 -4.71
C ILE B 165 4.03 2.56 -6.22
N VAL B 166 5.17 2.61 -6.91
CA VAL B 166 5.19 2.45 -8.36
C VAL B 166 4.83 1.01 -8.76
N PHE B 167 5.27 0.04 -7.97
CA PHE B 167 5.00 -1.35 -8.27
C PHE B 167 3.72 -1.92 -7.65
N ALA B 168 3.16 -1.21 -6.66
CA ALA B 168 1.96 -1.61 -5.95
C ALA B 168 0.93 -2.37 -6.78
N ASP B 169 0.45 -1.77 -7.85
CA ASP B 169 -0.54 -2.41 -8.68
C ASP B 169 -0.04 -3.56 -9.55
N ASP B 170 1.22 -3.49 -9.99
CA ASP B 170 1.80 -4.52 -10.83
C ASP B 170 2.24 -5.77 -10.10
N ASP B 171 3.10 -5.57 -9.11
CA ASP B 171 3.69 -6.66 -8.35
C ASP B 171 3.53 -6.43 -6.85
N PRO B 172 2.30 -6.61 -6.32
CA PRO B 172 2.03 -6.36 -4.91
C PRO B 172 2.96 -7.13 -3.96
N ALA B 173 3.42 -8.29 -4.40
CA ALA B 173 4.33 -9.10 -3.58
C ALA B 173 5.68 -8.41 -3.47
N TYR B 174 6.17 -7.90 -4.60
CA TYR B 174 7.46 -7.21 -4.63
C TYR B 174 7.37 -5.91 -3.86
N ALA B 175 6.27 -5.19 -4.04
CA ALA B 175 6.05 -3.93 -3.35
C ALA B 175 6.11 -4.14 -1.85
N ALA B 176 5.56 -5.26 -1.39
CA ALA B 176 5.54 -5.60 0.04
C ALA B 176 6.96 -5.84 0.56
N THR B 177 7.76 -6.53 -0.22
CA THR B 177 9.14 -6.82 0.14
C THR B 177 9.91 -5.51 0.26
N LEU B 178 9.69 -4.62 -0.69
CA LEU B 178 10.37 -3.32 -0.68
C LEU B 178 9.99 -2.55 0.58
N VAL B 179 8.70 -2.49 0.88
CA VAL B 179 8.22 -1.78 2.07
C VAL B 179 8.81 -2.37 3.34
N GLN B 180 8.86 -3.70 3.41
CA GLN B 180 9.42 -4.40 4.56
C GLN B 180 10.89 -4.01 4.77
N HIS B 181 11.65 -3.94 3.69
CA HIS B 181 13.05 -3.55 3.76
C HIS B 181 13.17 -2.09 4.18
N ALA B 182 12.32 -1.24 3.61
CA ALA B 182 12.33 0.18 3.91
C ALA B 182 12.09 0.48 5.38
N LYS B 183 11.22 -0.28 6.02
CA LYS B 183 10.91 -0.08 7.43
C LYS B 183 12.12 -0.44 8.30
N GLN B 184 12.73 -1.58 8.01
CA GLN B 184 13.91 -2.02 8.76
C GLN B 184 15.03 -0.99 8.61
N LEU B 185 15.28 -0.58 7.37
CA LEU B 185 16.32 0.40 7.09
C LEU B 185 16.09 1.72 7.79
N TYR B 186 14.84 2.17 7.84
CA TYR B 186 14.51 3.44 8.50
C TYR B 186 14.69 3.34 10.01
N THR B 187 14.33 2.20 10.58
CA THR B 187 14.48 1.99 12.02
C THR B 187 15.97 2.03 12.35
N PHE B 188 16.77 1.35 11.51
CA PHE B 188 18.22 1.33 11.67
C PHE B 188 18.77 2.76 11.65
N ALA B 189 18.31 3.54 10.68
CA ALA B 189 18.75 4.92 10.52
C ALA B 189 18.33 5.82 11.69
N ASP B 190 17.12 5.59 12.20
CA ASP B 190 16.60 6.38 13.30
C ASP B 190 17.20 5.99 14.64
N THR B 191 17.51 4.70 14.80
CA THR B 191 18.08 4.19 16.03
C THR B 191 19.58 4.45 16.20
N TYR B 192 20.36 4.15 15.16
CA TYR B 192 21.80 4.36 15.21
C TYR B 192 22.13 5.57 14.37
N ARG B 193 22.37 6.68 15.03
CA ARG B 193 22.64 7.95 14.37
C ARG B 193 24.08 8.28 14.03
N GLY B 194 24.29 8.67 12.78
CA GLY B 194 25.62 9.03 12.33
C GLY B 194 25.66 9.29 10.84
N VAL B 195 26.67 10.04 10.42
CA VAL B 195 26.90 10.38 9.02
C VAL B 195 27.73 9.24 8.43
N TYR B 196 27.21 8.62 7.36
CA TYR B 196 27.87 7.49 6.71
C TYR B 196 29.30 7.72 6.23
N SER B 197 29.62 8.95 5.83
CA SER B 197 30.96 9.26 5.34
C SER B 197 32.04 9.17 6.41
N ASP B 198 31.63 9.03 7.67
CA ASP B 198 32.57 8.89 8.78
C ASP B 198 32.95 7.42 8.90
N CYS B 199 32.21 6.58 8.20
CA CYS B 199 32.42 5.13 8.23
C CYS B 199 32.94 4.51 6.93
N VAL B 200 32.60 5.07 5.79
CA VAL B 200 33.08 4.54 4.51
C VAL B 200 33.90 5.60 3.79
N PRO B 201 34.84 5.18 2.93
CA PRO B 201 35.73 6.11 2.23
C PRO B 201 35.07 6.83 1.05
N ALA B 202 33.99 7.55 1.32
CA ALA B 202 33.27 8.28 0.29
C ALA B 202 33.34 9.78 0.48
N GLY B 203 34.09 10.22 1.48
CA GLY B 203 34.21 11.63 1.77
C GLY B 203 34.69 12.53 0.64
N ALA B 204 35.66 12.05 -0.13
CA ALA B 204 36.23 12.82 -1.24
C ALA B 204 35.31 12.88 -2.45
N PHE B 205 34.23 12.11 -2.43
CA PHE B 205 33.32 12.07 -3.55
C PHE B 205 31.90 12.47 -3.21
N TYR B 206 31.32 11.79 -2.24
CA TYR B 206 29.96 12.07 -1.83
C TYR B 206 29.86 12.24 -0.32
N ASN B 207 30.51 13.28 0.17
CA ASN B 207 30.52 13.60 1.59
C ASN B 207 29.16 14.13 2.02
N SER B 208 28.70 13.66 3.18
CA SER B 208 27.41 14.08 3.71
C SER B 208 27.56 15.46 4.34
N TRP B 209 27.52 16.49 3.51
CA TRP B 209 27.67 17.86 3.97
C TRP B 209 26.53 18.36 4.83
N SER B 210 25.30 17.98 4.49
CA SER B 210 24.11 18.43 5.23
C SER B 210 23.82 17.60 6.47
N GLY B 211 24.39 16.39 6.53
CA GLY B 211 24.13 15.54 7.66
C GLY B 211 22.93 14.67 7.37
N TYR B 212 22.34 14.11 8.42
CA TYR B 212 21.21 13.21 8.25
C TYR B 212 19.82 13.72 8.59
N GLN B 213 19.73 14.89 9.21
CA GLN B 213 18.42 15.40 9.61
C GLN B 213 17.42 15.44 8.46
N ASP B 214 17.86 15.92 7.31
CA ASP B 214 16.99 16.00 6.15
C ASP B 214 16.52 14.62 5.66
N GLU B 215 17.40 13.62 5.75
CA GLU B 215 17.03 12.27 5.32
C GLU B 215 16.01 11.61 6.26
N LEU B 216 15.99 12.04 7.52
CA LEU B 216 15.03 11.50 8.47
C LEU B 216 13.61 11.99 8.19
N VAL B 217 13.48 13.24 7.74
CA VAL B 217 12.17 13.80 7.40
C VAL B 217 11.72 13.20 6.07
N TRP B 218 12.65 13.15 5.12
CA TRP B 218 12.44 12.62 3.78
C TRP B 218 12.04 11.14 3.80
N GLY B 219 12.79 10.33 4.55
CA GLY B 219 12.49 8.91 4.65
C GLY B 219 11.15 8.63 5.31
N ALA B 220 10.84 9.38 6.37
CA ALA B 220 9.58 9.20 7.09
C ALA B 220 8.40 9.50 6.20
N TYR B 221 8.47 10.59 5.45
CA TYR B 221 7.40 10.95 4.55
C TYR B 221 7.13 9.84 3.54
N TRP B 222 8.17 9.38 2.86
CA TRP B 222 8.00 8.33 1.87
C TRP B 222 7.45 7.04 2.45
N LEU B 223 7.84 6.71 3.67
CA LEU B 223 7.32 5.51 4.32
C LEU B 223 5.83 5.70 4.62
N TYR B 224 5.44 6.93 4.95
CA TYR B 224 4.03 7.24 5.21
C TYR B 224 3.22 6.96 3.96
N LYS B 225 3.72 7.44 2.82
CA LYS B 225 3.05 7.27 1.56
C LYS B 225 2.95 5.81 1.12
N ALA B 226 4.00 5.04 1.41
CA ALA B 226 4.03 3.63 1.03
C ALA B 226 3.22 2.74 1.96
N THR B 227 3.12 3.10 3.23
CA THR B 227 2.41 2.30 4.21
C THR B 227 1.02 2.83 4.57
N GLY B 228 0.92 4.14 4.71
CA GLY B 228 -0.34 4.76 5.10
C GLY B 228 -0.37 4.87 6.62
N ASP B 229 0.74 4.49 7.25
CA ASP B 229 0.88 4.51 8.69
C ASP B 229 1.06 5.95 9.14
N ASP B 230 0.04 6.48 9.83
CA ASP B 230 0.05 7.86 10.33
C ASP B 230 1.25 8.21 11.19
N SER B 231 1.78 7.24 11.93
CA SER B 231 2.91 7.49 12.82
C SER B 231 4.09 8.08 12.07
N TYR B 232 4.25 7.66 10.82
CA TYR B 232 5.35 8.15 10.01
C TYR B 232 5.19 9.63 9.64
N LEU B 233 3.98 10.02 9.26
CA LEU B 233 3.71 11.43 8.92
C LEU B 233 3.99 12.24 10.19
N ALA B 234 3.60 11.70 11.34
CA ALA B 234 3.82 12.36 12.62
C ALA B 234 5.33 12.53 12.82
N LYS B 235 6.06 11.45 12.55
CA LYS B 235 7.52 11.44 12.67
C LYS B 235 8.17 12.49 11.78
N ALA B 236 7.67 12.61 10.55
CA ALA B 236 8.20 13.58 9.59
C ALA B 236 7.99 15.01 10.09
N GLU B 237 6.75 15.32 10.46
CA GLU B 237 6.43 16.66 10.96
C GLU B 237 7.15 17.00 12.25
N TYR B 238 7.45 15.99 13.06
CA TYR B 238 8.17 16.24 14.29
C TYR B 238 9.62 16.59 13.96
N GLU B 239 10.27 15.73 13.18
CA GLU B 239 11.67 15.93 12.78
C GLU B 239 11.89 17.20 11.96
N TYR B 240 10.84 17.65 11.28
CA TYR B 240 10.89 18.84 10.44
C TYR B 240 11.42 20.08 11.14
N ASP B 241 11.11 20.25 12.41
CA ASP B 241 11.53 21.42 13.15
C ASP B 241 13.02 21.47 13.45
N PHE B 242 13.73 20.39 13.18
CA PHE B 242 15.17 20.36 13.42
C PHE B 242 15.96 20.57 12.13
N LEU B 243 15.26 20.91 11.05
CA LEU B 243 15.93 21.15 9.77
C LEU B 243 16.78 22.41 9.85
N SER B 244 17.89 22.41 9.11
CA SER B 244 18.85 23.52 9.10
C SER B 244 18.26 24.89 8.81
N THR B 245 18.68 25.85 9.62
CA THR B 245 18.26 27.24 9.49
C THR B 245 19.38 27.90 8.69
N GLU B 246 19.20 29.14 8.25
CA GLU B 246 20.27 29.75 7.48
C GLU B 246 21.01 30.87 8.17
N GLN B 247 22.34 30.74 8.14
CA GLN B 247 23.30 31.67 8.71
C GLN B 247 23.00 32.30 10.07
N GLN B 248 22.24 33.39 10.09
CA GLN B 248 21.95 34.10 11.33
C GLN B 248 20.46 34.15 11.72
N THR B 249 19.58 33.64 10.87
CA THR B 249 18.14 33.69 11.15
C THR B 249 17.42 32.36 11.40
N ASP B 250 16.14 32.46 11.77
CA ASP B 250 15.30 31.28 12.03
C ASP B 250 14.79 30.71 10.72
N LEU B 251 15.11 31.36 9.60
CA LEU B 251 14.62 30.89 8.32
C LEU B 251 15.30 29.60 7.90
N ARG B 252 14.51 28.60 7.56
CA ARG B 252 15.06 27.34 7.13
C ARG B 252 15.69 27.51 5.77
N SER B 253 16.81 26.83 5.56
CA SER B 253 17.56 26.91 4.33
C SER B 253 16.72 27.10 3.07
N TYR B 254 17.05 28.13 2.30
CA TYR B 254 16.34 28.43 1.07
C TYR B 254 17.28 28.86 -0.07
N ARG B 255 18.58 28.83 0.19
CA ARG B 255 19.59 29.25 -0.80
C ARG B 255 20.32 28.19 -1.62
N TRP B 256 19.92 26.93 -1.52
CA TRP B 256 20.55 25.88 -2.29
C TRP B 256 19.39 25.15 -2.96
N THR B 257 19.51 23.85 -3.17
CA THR B 257 18.42 23.10 -3.78
C THR B 257 18.55 21.62 -3.44
N ILE B 258 17.51 20.87 -3.76
CA ILE B 258 17.50 19.45 -3.49
C ILE B 258 18.42 18.69 -4.44
N ALA B 259 19.20 17.78 -3.88
CA ALA B 259 20.13 16.96 -4.63
C ALA B 259 20.46 15.75 -3.74
N TRP B 260 21.44 14.95 -4.12
CA TRP B 260 21.80 13.76 -3.36
C TRP B 260 22.16 13.98 -1.90
N ASP B 261 22.50 15.23 -1.53
CA ASP B 261 22.91 15.54 -0.16
C ASP B 261 21.84 16.13 0.77
N ASP B 262 21.15 17.17 0.32
CA ASP B 262 20.14 17.84 1.13
C ASP B 262 18.74 17.74 0.56
N LYS B 263 17.87 17.03 1.28
CA LYS B 263 16.49 16.86 0.84
C LYS B 263 15.51 17.82 1.49
N SER B 264 16.03 18.73 2.32
CA SER B 264 15.20 19.72 3.02
C SER B 264 14.15 20.34 2.12
N TYR B 265 14.60 20.82 0.98
CA TYR B 265 13.78 21.50 0.00
C TYR B 265 12.63 20.66 -0.53
N GLY B 266 12.88 19.37 -0.72
CA GLY B 266 11.85 18.49 -1.21
C GLY B 266 10.75 18.33 -0.17
N THR B 267 11.14 18.21 1.10
CA THR B 267 10.15 18.04 2.17
C THR B 267 9.27 19.27 2.33
N TYR B 268 9.84 20.46 2.12
CA TYR B 268 9.06 21.71 2.21
C TYR B 268 7.80 21.52 1.38
N VAL B 269 8.01 21.20 0.10
CA VAL B 269 6.95 21.00 -0.87
C VAL B 269 6.07 19.77 -0.61
N LEU B 270 6.69 18.64 -0.29
CA LEU B 270 5.95 17.41 -0.05
C LEU B 270 4.98 17.53 1.12
N LEU B 271 5.41 18.16 2.20
CA LEU B 271 4.55 18.33 3.35
C LEU B 271 3.49 19.39 3.08
N ALA B 272 3.85 20.43 2.36
CA ALA B 272 2.90 21.49 2.01
C ALA B 272 1.80 20.84 1.18
N LYS B 273 2.20 19.97 0.27
CA LYS B 273 1.28 19.27 -0.62
C LYS B 273 0.38 18.33 0.19
N GLU B 274 0.96 17.67 1.18
CA GLU B 274 0.25 16.71 2.01
C GLU B 274 -0.69 17.29 3.06
N THR B 275 -0.16 18.18 3.90
CA THR B 275 -0.95 18.78 4.97
C THR B 275 -1.65 20.09 4.63
N GLY B 276 -0.98 20.95 3.87
CA GLY B 276 -1.55 22.23 3.51
C GLY B 276 -1.20 23.31 4.52
N LYS B 277 -0.40 22.94 5.52
CA LYS B 277 0.00 23.88 6.56
C LYS B 277 0.85 25.05 6.06
N GLN B 278 0.50 26.24 6.53
CA GLN B 278 1.19 27.47 6.16
C GLN B 278 2.69 27.40 6.43
N LYS B 279 3.05 26.61 7.43
CA LYS B 279 4.43 26.42 7.84
C LYS B 279 5.31 25.95 6.68
N TYR B 280 4.81 24.98 5.95
CA TYR B 280 5.52 24.41 4.81
C TYR B 280 5.44 25.32 3.61
N ILE B 281 4.25 25.89 3.40
CA ILE B 281 4.02 26.81 2.29
C ILE B 281 4.99 28.00 2.35
N ASP B 282 5.24 28.50 3.56
CA ASP B 282 6.14 29.62 3.74
C ASP B 282 7.57 29.26 3.37
N ASP B 283 8.03 28.09 3.80
CA ASP B 283 9.39 27.65 3.47
C ASP B 283 9.53 27.39 1.98
N ALA B 284 8.61 26.61 1.42
CA ALA B 284 8.63 26.29 -0.01
C ALA B 284 8.65 27.56 -0.85
N ASN B 285 7.80 28.52 -0.48
CA ASN B 285 7.72 29.79 -1.19
C ASN B 285 9.03 30.57 -1.17
N ARG B 286 9.64 30.69 0.00
CA ARG B 286 10.90 31.42 0.15
C ARG B 286 11.97 30.85 -0.79
N TRP B 287 12.12 29.53 -0.75
CA TRP B 287 13.10 28.82 -1.57
C TRP B 287 12.86 29.06 -3.06
N LEU B 288 11.67 28.73 -3.54
CA LEU B 288 11.35 28.90 -4.94
C LEU B 288 11.37 30.36 -5.39
N ASP B 289 11.17 31.29 -4.46
CA ASP B 289 11.23 32.71 -4.80
C ASP B 289 12.68 33.11 -5.03
N TYR B 290 13.58 32.59 -4.19
CA TYR B 290 15.00 32.89 -4.33
C TYR B 290 15.52 32.45 -5.70
N TRP B 291 14.95 31.37 -6.23
CA TRP B 291 15.34 30.86 -7.53
C TRP B 291 14.71 31.60 -8.68
N THR B 292 13.70 32.43 -8.39
CA THR B 292 13.00 33.15 -9.43
C THR B 292 13.07 34.69 -9.34
N VAL B 293 12.40 35.25 -8.33
CA VAL B 293 12.36 36.71 -8.17
C VAL B 293 13.35 37.23 -7.13
N GLY B 294 13.84 36.34 -6.28
CA GLY B 294 14.77 36.73 -5.25
C GLY B 294 14.03 37.07 -3.97
N VAL B 295 14.71 36.93 -2.84
CA VAL B 295 14.13 37.24 -1.54
C VAL B 295 15.10 38.17 -0.81
N ASN B 296 14.60 39.34 -0.45
CA ASN B 296 15.37 40.34 0.26
C ASN B 296 16.58 40.79 -0.57
N GLY B 297 16.34 40.98 -1.87
CA GLY B 297 17.39 41.42 -2.77
C GLY B 297 18.33 40.34 -3.29
N GLN B 298 18.28 39.16 -2.68
CA GLN B 298 19.12 38.02 -3.05
C GLN B 298 18.40 37.03 -3.95
N ARG B 299 19.12 36.58 -4.98
CA ARG B 299 18.54 35.69 -5.98
C ARG B 299 19.66 34.83 -6.56
N VAL B 300 19.33 33.61 -6.96
CA VAL B 300 20.32 32.70 -7.52
C VAL B 300 20.91 33.35 -8.78
N PRO B 301 22.23 33.20 -9.00
CA PRO B 301 22.87 33.79 -10.19
C PRO B 301 22.24 33.29 -11.48
N TYR B 302 22.03 34.20 -12.41
CA TYR B 302 21.46 33.86 -13.71
C TYR B 302 22.44 34.31 -14.78
N SER B 303 22.47 33.57 -15.88
CA SER B 303 23.35 33.91 -16.99
C SER B 303 22.54 34.82 -17.91
N PRO B 304 23.21 35.59 -18.78
CA PRO B 304 22.47 36.42 -19.74
C PRO B 304 21.54 35.58 -20.60
N GLY B 305 21.80 34.29 -20.70
CA GLY B 305 20.97 33.42 -21.52
C GLY B 305 19.73 32.94 -20.80
N GLY B 306 19.71 33.10 -19.48
CA GLY B 306 18.56 32.69 -18.69
C GLY B 306 18.73 31.37 -17.95
N MET B 307 19.97 31.03 -17.61
CA MET B 307 20.24 29.80 -16.89
C MET B 307 20.48 30.11 -15.43
N ALA B 308 19.84 29.35 -14.56
CA ALA B 308 20.03 29.53 -13.13
C ALA B 308 21.30 28.74 -12.85
N VAL B 309 22.36 29.42 -12.44
CA VAL B 309 23.63 28.77 -12.16
C VAL B 309 23.90 28.83 -10.65
N LEU B 310 23.63 27.72 -9.97
CA LEU B 310 23.82 27.66 -8.53
C LEU B 310 25.27 27.42 -8.15
N ASP B 311 25.93 26.52 -8.88
CA ASP B 311 27.30 26.15 -8.56
C ASP B 311 28.04 25.67 -9.81
N THR B 312 29.34 25.45 -9.69
CA THR B 312 30.16 25.02 -10.81
C THR B 312 29.91 23.57 -11.21
N TRP B 313 29.64 22.71 -10.22
CA TRP B 313 29.43 21.29 -10.47
C TRP B 313 27.98 20.91 -10.72
N GLY B 314 27.74 20.22 -11.82
CA GLY B 314 26.40 19.79 -12.16
C GLY B 314 25.41 20.93 -12.16
N ALA B 315 25.81 22.05 -12.73
CA ALA B 315 24.97 23.24 -12.79
C ALA B 315 23.59 22.90 -13.36
N LEU B 316 23.57 22.21 -14.49
CA LEU B 316 22.32 21.82 -15.13
C LEU B 316 21.50 20.85 -14.27
N ARG B 317 22.19 19.98 -13.56
CA ARG B 317 21.54 19.01 -12.68
C ARG B 317 20.79 19.77 -11.59
N TYR B 318 21.43 20.78 -11.01
CA TYR B 318 20.78 21.57 -9.97
C TYR B 318 19.55 22.32 -10.53
N ALA B 319 19.71 22.97 -11.69
CA ALA B 319 18.59 23.70 -12.29
C ALA B 319 17.44 22.74 -12.60
N ALA B 320 17.78 21.56 -13.09
CA ALA B 320 16.80 20.54 -13.44
C ALA B 320 16.07 20.03 -12.20
N ASN B 321 16.82 19.83 -11.11
CA ASN B 321 16.23 19.35 -9.87
C ASN B 321 15.20 20.36 -9.38
N THR B 322 15.56 21.64 -9.40
CA THR B 322 14.66 22.71 -8.96
C THR B 322 13.45 22.79 -9.89
N ALA B 323 13.67 22.63 -11.19
CA ALA B 323 12.61 22.69 -12.18
C ALA B 323 11.55 21.63 -11.90
N PHE B 324 11.97 20.43 -11.54
CA PHE B 324 11.02 19.36 -11.24
C PHE B 324 10.14 19.71 -10.04
N VAL B 325 10.77 20.06 -8.92
CA VAL B 325 10.01 20.40 -7.72
C VAL B 325 9.10 21.61 -7.94
N ALA B 326 9.58 22.58 -8.73
CA ALA B 326 8.78 23.77 -9.03
C ALA B 326 7.50 23.37 -9.75
N LEU B 327 7.59 22.38 -10.63
CA LEU B 327 6.43 21.89 -11.37
C LEU B 327 5.43 21.19 -10.45
N VAL B 328 5.94 20.45 -9.46
CA VAL B 328 5.09 19.76 -8.50
C VAL B 328 4.36 20.80 -7.66
N TYR B 329 5.13 21.76 -7.12
CA TYR B 329 4.59 22.81 -6.28
C TYR B 329 3.57 23.67 -7.01
N ALA B 330 3.88 24.03 -8.25
CA ALA B 330 3.00 24.87 -9.06
C ALA B 330 1.58 24.34 -9.15
N LYS B 331 1.42 23.05 -8.87
CA LYS B 331 0.10 22.45 -8.93
C LYS B 331 -0.68 22.53 -7.62
N VAL B 332 0.03 22.58 -6.50
CA VAL B 332 -0.64 22.63 -5.20
C VAL B 332 -0.97 24.05 -4.72
N ILE B 333 -0.13 25.00 -5.07
CA ILE B 333 -0.34 26.38 -4.65
C ILE B 333 -1.50 27.05 -5.38
N ASP B 334 -2.26 27.87 -4.67
CA ASP B 334 -3.41 28.55 -5.24
C ASP B 334 -3.10 29.90 -5.88
N ASP B 335 -2.10 30.59 -5.35
CA ASP B 335 -1.71 31.89 -5.86
C ASP B 335 -1.37 31.81 -7.34
N PRO B 336 -2.18 32.45 -8.20
CA PRO B 336 -2.00 32.43 -9.65
C PRO B 336 -0.65 32.99 -10.10
N VAL B 337 -0.19 34.02 -9.40
CA VAL B 337 1.08 34.65 -9.73
C VAL B 337 2.24 33.70 -9.45
N ARG B 338 2.22 33.04 -8.30
CA ARG B 338 3.29 32.10 -7.94
C ARG B 338 3.21 30.85 -8.80
N LYS B 339 2.00 30.41 -9.10
CA LYS B 339 1.80 29.22 -9.92
C LYS B 339 2.48 29.44 -11.27
N GLN B 340 2.21 30.59 -11.89
CA GLN B 340 2.79 30.92 -13.18
C GLN B 340 4.31 31.10 -13.09
N ARG B 341 4.75 31.85 -12.09
CA ARG B 341 6.16 32.12 -11.86
C ARG B 341 7.00 30.86 -11.77
N TYR B 342 6.58 29.93 -10.93
CA TYR B 342 7.30 28.68 -10.73
C TYR B 342 7.22 27.76 -11.96
N HIS B 343 6.01 27.60 -12.50
CA HIS B 343 5.83 26.76 -13.66
C HIS B 343 6.66 27.23 -14.85
N ASP B 344 6.63 28.53 -15.13
CA ASP B 344 7.38 29.07 -16.25
C ASP B 344 8.88 28.99 -16.05
N PHE B 345 9.32 29.09 -14.80
CA PHE B 345 10.73 28.99 -14.47
C PHE B 345 11.19 27.57 -14.84
N ALA B 346 10.41 26.58 -14.42
CA ALA B 346 10.74 25.20 -14.69
C ALA B 346 10.90 24.92 -16.18
N VAL B 347 9.89 25.28 -16.96
CA VAL B 347 9.92 25.07 -18.41
C VAL B 347 11.12 25.77 -19.06
N ARG B 348 11.42 26.98 -18.59
CA ARG B 348 12.55 27.72 -19.15
C ARG B 348 13.87 27.00 -18.90
N GLN B 349 14.05 26.43 -17.71
CA GLN B 349 15.30 25.74 -17.39
C GLN B 349 15.47 24.42 -18.15
N ILE B 350 14.39 23.65 -18.30
CA ILE B 350 14.47 22.38 -19.02
C ILE B 350 14.73 22.67 -20.50
N ASN B 351 14.04 23.67 -21.05
CA ASN B 351 14.20 24.05 -22.45
C ASN B 351 15.62 24.51 -22.72
N TYR B 352 16.22 25.19 -21.75
CA TYR B 352 17.59 25.66 -21.90
C TYR B 352 18.49 24.44 -22.12
N ALA B 353 18.29 23.42 -21.29
CA ALA B 353 19.07 22.19 -21.37
C ALA B 353 18.82 21.46 -22.68
N LEU B 354 17.62 21.59 -23.22
CA LEU B 354 17.28 20.91 -24.47
C LEU B 354 17.70 21.67 -25.73
N GLY B 355 18.20 22.89 -25.58
CA GLY B 355 18.63 23.64 -26.74
C GLY B 355 18.30 25.12 -26.81
N ASP B 356 17.35 25.56 -25.99
CA ASP B 356 16.96 26.96 -26.00
C ASP B 356 17.95 27.82 -25.22
N ASN B 357 19.11 28.05 -25.83
CA ASN B 357 20.18 28.80 -25.20
C ASN B 357 20.97 29.57 -26.25
N PRO B 358 21.93 30.43 -25.84
CA PRO B 358 22.70 31.24 -26.79
C PRO B 358 23.52 30.38 -27.76
N ARG B 359 23.81 29.14 -27.38
CA ARG B 359 24.59 28.27 -28.25
C ARG B 359 23.67 27.51 -29.17
N ASN B 360 22.37 27.54 -28.92
CA ASN B 360 21.47 26.82 -29.80
C ASN B 360 21.74 25.30 -29.78
N SER B 361 22.38 24.85 -28.71
CA SER B 361 22.76 23.44 -28.66
C SER B 361 22.24 22.69 -27.44
N SER B 362 21.88 21.43 -27.66
CA SER B 362 21.39 20.55 -26.62
C SER B 362 22.52 20.19 -25.68
N TYR B 363 22.18 19.94 -24.42
CA TYR B 363 23.16 19.53 -23.41
C TYR B 363 22.86 18.08 -23.02
N VAL B 364 22.09 17.41 -23.87
CA VAL B 364 21.73 16.03 -23.66
C VAL B 364 22.37 15.23 -24.78
N VAL B 365 23.29 14.34 -24.42
CA VAL B 365 24.00 13.54 -25.41
C VAL B 365 23.04 12.78 -26.32
N GLY B 366 23.33 12.81 -27.61
CA GLY B 366 22.50 12.12 -28.59
C GLY B 366 21.10 12.67 -28.79
N PHE B 367 20.88 13.92 -28.38
CA PHE B 367 19.57 14.52 -28.55
C PHE B 367 19.63 15.96 -29.06
N GLY B 368 18.67 16.33 -29.89
CA GLY B 368 18.56 17.68 -30.41
C GLY B 368 19.68 18.19 -31.30
N ASN B 369 19.83 19.50 -31.30
CA ASN B 369 20.83 20.16 -32.13
C ASN B 369 22.19 20.33 -31.51
N ASN B 370 23.21 19.88 -32.24
CA ASN B 370 24.60 19.99 -31.83
C ASN B 370 24.86 19.54 -30.38
N PRO B 371 24.47 18.29 -30.04
CA PRO B 371 24.65 17.80 -28.68
C PRO B 371 26.12 17.49 -28.37
N PRO B 372 26.45 17.31 -27.09
CA PRO B 372 27.80 16.90 -26.70
C PRO B 372 28.09 15.53 -27.32
N ARG B 373 29.34 15.32 -27.74
CA ARG B 373 29.74 14.06 -28.34
C ARG B 373 30.74 13.32 -27.49
N ASN B 374 31.43 14.04 -26.61
CA ASN B 374 32.45 13.41 -25.80
C ASN B 374 32.26 13.54 -24.29
N PRO B 375 31.17 12.97 -23.76
CA PRO B 375 31.00 13.00 -22.31
C PRO B 375 32.12 12.24 -21.60
N HIS B 376 32.44 12.68 -20.38
CA HIS B 376 33.47 12.10 -19.55
C HIS B 376 32.95 10.76 -19.01
N HIS B 377 33.00 9.73 -19.85
CA HIS B 377 32.49 8.42 -19.49
C HIS B 377 33.43 7.35 -20.05
N ARG B 378 33.99 6.51 -19.18
CA ARG B 378 34.92 5.47 -19.60
C ARG B 378 34.43 4.48 -20.65
N THR B 379 33.31 3.81 -20.38
CA THR B 379 32.82 2.82 -21.33
C THR B 379 32.32 3.42 -22.64
N ALA B 380 31.70 4.59 -22.59
CA ALA B 380 31.21 5.23 -23.80
C ALA B 380 32.39 5.63 -24.68
N HIS B 381 33.49 6.02 -24.05
CA HIS B 381 34.70 6.41 -24.78
C HIS B 381 35.28 5.19 -25.50
N GLY B 382 35.51 4.12 -24.77
CA GLY B 382 36.04 2.90 -25.37
C GLY B 382 37.52 2.86 -25.65
N SER B 383 38.30 3.52 -24.81
CA SER B 383 39.74 3.56 -24.97
C SER B 383 40.31 2.17 -24.71
N TRP B 384 41.34 1.80 -25.45
CA TRP B 384 41.97 0.50 -25.25
C TRP B 384 43.43 0.66 -24.80
N THR B 385 43.83 1.90 -24.56
CA THR B 385 45.19 2.22 -24.15
C THR B 385 45.31 2.91 -22.80
N ASP B 386 44.27 2.82 -21.97
CA ASP B 386 44.29 3.45 -20.65
C ASP B 386 44.58 4.94 -20.80
N SER B 387 43.95 5.56 -21.77
CA SER B 387 44.15 6.97 -22.02
C SER B 387 42.83 7.68 -22.30
N ILE B 388 42.61 8.79 -21.58
CA ILE B 388 41.40 9.58 -21.76
C ILE B 388 41.49 10.35 -23.07
N ALA B 389 42.69 10.43 -23.64
CA ALA B 389 42.90 11.17 -24.88
C ALA B 389 42.69 10.39 -26.17
N SER B 390 42.76 9.06 -26.13
CA SER B 390 42.60 8.23 -27.33
C SER B 390 41.57 7.12 -27.17
N PRO B 391 40.71 6.93 -28.18
CA PRO B 391 40.63 7.70 -29.42
C PRO B 391 40.09 9.11 -29.17
N ALA B 392 40.19 9.99 -30.17
CA ALA B 392 39.73 11.38 -30.04
C ALA B 392 38.26 11.52 -29.68
N GLU B 393 37.39 10.82 -30.40
CA GLU B 393 35.95 10.89 -30.16
C GLU B 393 35.50 9.64 -29.41
N ASN B 394 34.44 9.76 -28.62
CA ASN B 394 33.90 8.61 -27.90
C ASN B 394 33.47 7.60 -28.94
N ARG B 395 33.72 6.32 -28.69
CA ARG B 395 33.32 5.31 -29.67
C ARG B 395 31.83 4.99 -29.62
N HIS B 396 31.15 5.38 -28.54
CA HIS B 396 29.73 5.10 -28.42
C HIS B 396 28.93 6.34 -28.10
N VAL B 397 27.64 6.31 -28.40
CA VAL B 397 26.78 7.45 -28.12
C VAL B 397 25.99 7.12 -26.87
N LEU B 398 26.29 7.83 -25.78
CA LEU B 398 25.61 7.62 -24.52
C LEU B 398 24.30 8.40 -24.54
N TYR B 399 23.36 7.95 -25.39
CA TYR B 399 22.05 8.60 -25.52
C TYR B 399 21.37 8.96 -24.21
N GLY B 400 20.91 10.20 -24.10
CA GLY B 400 20.17 10.63 -22.93
C GLY B 400 20.86 11.28 -21.75
N ALA B 401 22.18 11.18 -21.67
CA ALA B 401 22.91 11.76 -20.55
C ALA B 401 22.96 13.28 -20.55
N LEU B 402 22.58 13.88 -19.42
CA LEU B 402 22.62 15.32 -19.25
C LEU B 402 24.01 15.64 -18.72
N VAL B 403 24.75 16.51 -19.41
CA VAL B 403 26.09 16.85 -18.94
C VAL B 403 26.03 17.94 -17.86
N GLY B 404 27.16 18.22 -17.23
CA GLY B 404 27.21 19.25 -16.21
C GLY B 404 26.80 20.59 -16.79
N GLY B 405 27.30 20.90 -17.98
CA GLY B 405 26.96 22.16 -18.63
C GLY B 405 27.80 23.33 -18.16
N PRO B 406 27.42 24.56 -18.53
CA PRO B 406 28.13 25.78 -18.13
C PRO B 406 28.24 25.88 -16.61
N GLY B 407 29.48 26.00 -16.12
CA GLY B 407 29.71 26.09 -14.69
C GLY B 407 29.63 27.51 -14.18
N SER B 408 29.57 28.47 -15.09
CA SER B 408 29.49 29.88 -14.73
C SER B 408 28.29 30.52 -15.41
N PRO B 409 27.81 31.65 -14.86
CA PRO B 409 26.66 32.33 -15.47
C PRO B 409 27.02 33.14 -16.72
N ASN B 410 27.66 32.48 -17.69
CA ASN B 410 28.06 33.15 -18.93
C ASN B 410 27.72 32.35 -20.18
N ASP B 411 26.97 31.26 -20.00
CA ASP B 411 26.56 30.39 -21.10
C ASP B 411 27.70 29.77 -21.90
N ALA B 412 28.94 29.85 -21.40
CA ALA B 412 30.08 29.29 -22.11
C ALA B 412 30.22 27.79 -21.88
N TYR B 413 30.58 27.07 -22.93
CA TYR B 413 30.74 25.62 -22.85
C TYR B 413 31.56 25.05 -24.00
N THR B 414 32.43 24.09 -23.68
CA THR B 414 33.25 23.42 -24.68
C THR B 414 33.12 21.92 -24.45
N ASP B 415 32.76 21.20 -25.52
CA ASP B 415 32.59 19.75 -25.49
C ASP B 415 33.96 19.08 -25.43
N ASP B 416 34.48 18.93 -24.21
CA ASP B 416 35.78 18.34 -24.00
C ASP B 416 35.67 17.23 -22.95
N ARG B 417 36.00 16.00 -23.36
CA ARG B 417 35.93 14.85 -22.48
C ARG B 417 36.83 15.00 -21.25
N GLN B 418 37.90 15.76 -21.40
CA GLN B 418 38.82 15.99 -20.29
C GLN B 418 38.35 17.02 -19.29
N ASP B 419 37.25 17.69 -19.62
CA ASP B 419 36.68 18.69 -18.75
C ASP B 419 35.65 17.99 -17.87
N TYR B 420 36.08 17.54 -16.69
CA TYR B 420 35.18 16.84 -15.78
C TYR B 420 34.12 17.73 -15.14
N VAL B 421 34.14 19.02 -15.44
CA VAL B 421 33.14 19.92 -14.92
C VAL B 421 32.00 19.98 -15.92
N ALA B 422 32.29 20.52 -17.10
CA ALA B 422 31.30 20.67 -18.16
C ALA B 422 30.76 19.35 -18.72
N ASN B 423 31.65 18.37 -18.91
CA ASN B 423 31.23 17.11 -19.50
C ASN B 423 30.98 15.92 -18.58
N GLU B 424 30.88 16.16 -17.29
CA GLU B 424 30.63 15.09 -16.35
C GLU B 424 29.18 14.63 -16.54
N VAL B 425 28.95 13.33 -16.38
CA VAL B 425 27.63 12.71 -16.48
C VAL B 425 27.49 11.86 -15.22
N ALA B 426 26.26 11.61 -14.76
CA ALA B 426 26.05 10.81 -13.54
C ALA B 426 24.58 10.42 -13.38
N THR B 427 24.31 9.36 -12.62
CA THR B 427 22.94 8.91 -12.42
C THR B 427 22.05 9.97 -11.78
N ASP B 428 22.60 10.73 -10.84
CA ASP B 428 21.80 11.78 -10.19
C ASP B 428 21.52 12.96 -11.11
N TYR B 429 22.39 13.17 -12.12
CA TYR B 429 22.21 14.28 -13.06
C TYR B 429 20.92 14.12 -13.86
N ASN B 430 20.57 12.88 -14.16
CA ASN B 430 19.36 12.58 -14.93
C ASN B 430 18.10 12.31 -14.11
N ALA B 431 18.21 12.30 -12.79
CA ALA B 431 17.07 12.02 -11.92
C ALA B 431 15.96 13.07 -11.94
N GLY B 432 16.26 14.27 -11.46
CA GLY B 432 15.27 15.33 -11.47
C GLY B 432 14.86 15.67 -12.89
N PHE B 433 15.85 15.67 -13.79
CA PHE B 433 15.64 15.97 -15.21
C PHE B 433 14.54 15.06 -15.80
N SER B 434 14.67 13.75 -15.58
CA SER B 434 13.71 12.77 -16.10
C SER B 434 12.31 13.02 -15.56
N SER B 435 12.23 13.27 -14.25
CA SER B 435 10.96 13.53 -13.60
C SER B 435 10.30 14.78 -14.19
N ALA B 436 11.11 15.79 -14.48
CA ALA B 436 10.60 17.03 -15.07
C ALA B 436 10.07 16.70 -16.45
N LEU B 437 10.82 15.92 -17.22
CA LEU B 437 10.41 15.54 -18.56
C LEU B 437 9.06 14.81 -18.56
N ALA B 438 8.84 13.95 -17.57
CA ALA B 438 7.59 13.21 -17.46
C ALA B 438 6.41 14.17 -17.31
N MET B 439 6.61 15.24 -16.53
CA MET B 439 5.59 16.27 -16.27
C MET B 439 5.28 17.00 -17.56
N LEU B 440 6.34 17.40 -18.26
CA LEU B 440 6.22 18.13 -19.50
C LEU B 440 5.59 17.32 -20.62
N VAL B 441 5.82 16.01 -20.65
CA VAL B 441 5.21 15.18 -21.68
C VAL B 441 3.70 15.16 -21.46
N GLU B 442 3.30 15.04 -20.20
CA GLU B 442 1.89 15.01 -19.84
C GLU B 442 1.19 16.31 -20.23
N GLU B 443 1.88 17.43 -20.08
CA GLU B 443 1.34 18.75 -20.40
C GLU B 443 1.47 19.21 -21.86
N TYR B 444 2.64 19.00 -22.45
CA TYR B 444 2.88 19.42 -23.82
C TYR B 444 2.93 18.32 -24.87
N GLY B 445 3.00 17.08 -24.42
CA GLY B 445 3.04 15.95 -25.34
C GLY B 445 4.40 15.72 -25.97
N GLY B 446 4.39 15.05 -27.11
CA GLY B 446 5.61 14.73 -27.82
C GLY B 446 5.51 13.26 -28.20
N THR B 447 6.26 12.82 -29.20
CA THR B 447 6.21 11.42 -29.60
C THR B 447 7.58 10.77 -29.59
N PRO B 448 7.68 9.56 -29.01
CA PRO B 448 8.94 8.84 -28.96
C PRO B 448 9.36 8.31 -30.34
N LEU B 449 10.63 7.99 -30.47
CA LEU B 449 11.18 7.47 -31.71
C LEU B 449 10.74 6.02 -31.89
N ALA B 450 10.31 5.71 -33.11
CA ALA B 450 9.84 4.37 -33.46
C ALA B 450 10.96 3.33 -33.45
N ASP B 451 12.08 3.67 -34.07
CA ASP B 451 13.23 2.77 -34.14
C ASP B 451 14.41 3.23 -33.27
N PHE B 452 14.25 3.04 -31.97
CA PHE B 452 15.26 3.41 -31.00
C PHE B 452 15.41 2.22 -30.05
N PRO B 453 16.65 1.85 -29.68
CA PRO B 453 17.93 2.46 -30.05
C PRO B 453 18.41 2.01 -31.42
N PRO B 454 19.20 2.84 -32.08
CA PRO B 454 19.82 2.44 -33.35
C PRO B 454 20.95 1.50 -32.95
N THR B 455 21.17 0.44 -33.72
CA THR B 455 22.26 -0.47 -33.37
C THR B 455 23.58 0.08 -33.90
N GLU B 456 24.58 0.13 -33.02
CA GLU B 456 25.89 0.61 -33.40
C GLU B 456 26.73 -0.47 -34.04
N GLU B 457 27.57 -0.07 -35.00
CA GLU B 457 28.45 -1.01 -35.67
C GLU B 457 29.90 -0.66 -35.35
N PRO B 458 30.74 -1.68 -35.15
CA PRO B 458 32.17 -1.52 -34.84
C PRO B 458 32.89 -0.62 -35.83
N ASP B 459 33.80 0.21 -35.30
CA ASP B 459 34.58 1.14 -36.12
C ASP B 459 35.73 0.46 -36.86
N GLY B 460 35.77 -0.87 -36.82
CA GLY B 460 36.82 -1.61 -37.49
C GLY B 460 36.81 -3.02 -36.95
N PRO B 461 37.87 -3.81 -37.20
CA PRO B 461 37.95 -5.14 -36.61
C PRO B 461 38.22 -4.93 -35.14
N GLU B 462 37.53 -5.65 -34.28
CA GLU B 462 37.74 -5.48 -32.85
C GLU B 462 38.92 -6.30 -32.38
N ILE B 463 38.90 -7.59 -32.70
CA ILE B 463 39.96 -8.50 -32.33
C ILE B 463 40.54 -9.02 -33.65
N PHE B 464 41.83 -8.78 -33.86
CA PHE B 464 42.45 -9.20 -35.09
C PHE B 464 43.95 -9.43 -34.98
N VAL B 465 44.55 -9.81 -36.10
CA VAL B 465 45.98 -10.08 -36.18
C VAL B 465 46.59 -9.22 -37.28
N GLU B 466 47.67 -8.56 -36.96
CA GLU B 466 48.39 -7.75 -37.92
C GLU B 466 49.65 -8.56 -38.19
N ALA B 467 50.26 -8.36 -39.34
CA ALA B 467 51.46 -9.11 -39.66
C ALA B 467 52.31 -8.33 -40.66
N GLN B 468 53.57 -8.74 -40.75
CA GLN B 468 54.52 -8.14 -41.66
C GLN B 468 55.74 -9.06 -41.73
N ILE B 469 56.50 -8.95 -42.81
CA ILE B 469 57.70 -9.75 -42.97
C ILE B 469 58.74 -9.08 -42.08
N ASN B 470 59.33 -9.86 -41.17
CA ASN B 470 60.31 -9.32 -40.24
C ASN B 470 61.68 -9.26 -40.88
N THR B 471 62.16 -10.39 -41.39
CA THR B 471 63.44 -10.48 -42.07
C THR B 471 63.17 -11.22 -43.36
N PRO B 472 63.55 -10.64 -44.50
CA PRO B 472 63.38 -11.37 -45.77
C PRO B 472 64.33 -12.58 -45.80
N GLY B 473 63.86 -13.67 -46.38
CA GLY B 473 64.68 -14.86 -46.46
C GLY B 473 64.22 -15.71 -47.62
N THR B 474 65.03 -16.70 -47.98
CA THR B 474 64.70 -17.58 -49.09
C THR B 474 64.45 -19.02 -48.67
N THR B 475 65.10 -19.43 -47.58
CA THR B 475 64.93 -20.78 -47.08
C THR B 475 64.01 -20.77 -45.86
N PHE B 476 63.48 -19.60 -45.55
CA PHE B 476 62.59 -19.45 -44.41
C PHE B 476 61.70 -18.24 -44.61
N THR B 477 60.69 -18.13 -43.77
CA THR B 477 59.77 -17.00 -43.78
C THR B 477 59.78 -16.56 -42.31
N GLU B 478 60.06 -15.29 -42.06
CA GLU B 478 60.05 -14.79 -40.70
C GLU B 478 59.00 -13.71 -40.60
N ILE B 479 57.93 -14.01 -39.87
CA ILE B 479 56.81 -13.12 -39.70
C ILE B 479 56.82 -12.48 -38.33
N LYS B 480 56.31 -11.25 -38.26
CA LYS B 480 56.18 -10.55 -36.99
C LYS B 480 54.69 -10.29 -36.90
N ALA B 481 54.00 -11.10 -36.10
CA ALA B 481 52.56 -10.96 -35.92
C ALA B 481 52.25 -10.16 -34.67
N MET B 482 51.04 -9.60 -34.66
CA MET B 482 50.60 -8.79 -33.54
C MET B 482 49.12 -9.07 -33.31
N ILE B 483 48.77 -9.55 -32.13
CA ILE B 483 47.38 -9.84 -31.79
C ILE B 483 46.83 -8.56 -31.14
N ARG B 484 45.70 -8.08 -31.63
CA ARG B 484 45.11 -6.86 -31.10
C ARG B 484 43.70 -7.10 -30.61
N ASN B 485 43.40 -6.60 -29.42
CA ASN B 485 42.06 -6.70 -28.86
C ASN B 485 41.69 -5.26 -28.54
N GLN B 486 40.92 -4.66 -29.44
CA GLN B 486 40.46 -3.30 -29.30
C GLN B 486 38.94 -3.33 -29.35
N SER B 487 38.36 -4.36 -28.75
CA SER B 487 36.92 -4.52 -28.74
C SER B 487 36.15 -3.42 -27.98
N GLY B 488 34.93 -3.14 -28.43
CA GLY B 488 34.10 -2.14 -27.79
C GLY B 488 32.62 -2.37 -27.99
N TRP B 489 32.26 -3.50 -28.59
CA TRP B 489 30.86 -3.81 -28.86
C TRP B 489 30.43 -5.23 -28.47
N PRO B 490 30.57 -5.62 -27.19
CA PRO B 490 31.14 -4.85 -26.07
C PRO B 490 32.62 -5.15 -25.92
N ALA B 491 33.29 -4.45 -25.00
CA ALA B 491 34.69 -4.71 -24.75
C ALA B 491 34.70 -6.10 -24.13
N ARG B 492 35.67 -6.92 -24.49
CA ARG B 492 35.71 -8.26 -23.94
C ARG B 492 37.12 -8.79 -23.84
N MET B 493 37.26 -9.78 -22.97
CA MET B 493 38.53 -10.44 -22.69
C MET B 493 38.83 -11.56 -23.70
N LEU B 494 40.11 -11.68 -24.05
CA LEU B 494 40.58 -12.73 -24.94
C LEU B 494 41.73 -13.38 -24.16
N ASP B 495 41.44 -14.48 -23.47
CA ASP B 495 42.46 -15.15 -22.70
C ASP B 495 42.69 -16.60 -23.12
N LYS B 496 42.12 -16.98 -24.26
CA LYS B 496 42.26 -18.34 -24.79
C LYS B 496 42.50 -18.29 -26.29
N GLY B 497 43.33 -17.35 -26.72
CA GLY B 497 43.64 -17.20 -28.12
C GLY B 497 44.81 -18.01 -28.66
N THR B 498 44.64 -18.47 -29.88
CA THR B 498 45.66 -19.21 -30.61
C THR B 498 45.46 -18.78 -32.07
N PHE B 499 46.45 -18.97 -32.91
CA PHE B 499 46.26 -18.62 -34.31
C PHE B 499 47.02 -19.57 -35.18
N ARG B 500 46.57 -19.72 -36.41
CA ARG B 500 47.20 -20.62 -37.35
C ARG B 500 47.70 -19.92 -38.60
N TYR B 501 48.83 -20.41 -39.07
CA TYR B 501 49.48 -19.91 -40.27
C TYR B 501 49.62 -21.14 -41.15
N TRP B 502 48.88 -21.17 -42.25
CA TRP B 502 48.92 -22.31 -43.18
C TRP B 502 49.94 -22.11 -44.29
N PHE B 503 50.54 -23.22 -44.71
CA PHE B 503 51.51 -23.19 -45.79
C PHE B 503 51.47 -24.50 -46.58
N THR B 504 51.92 -24.43 -47.83
CA THR B 504 51.95 -25.59 -48.71
C THR B 504 53.39 -26.11 -48.72
N LEU B 505 53.54 -27.39 -48.41
CA LEU B 505 54.84 -28.04 -48.40
C LEU B 505 55.31 -28.04 -49.84
N ASP B 506 56.55 -27.64 -50.07
CA ASP B 506 57.07 -27.56 -51.42
C ASP B 506 57.90 -28.77 -51.82
N GLU B 507 58.16 -28.87 -53.12
CA GLU B 507 58.95 -29.96 -53.67
C GLU B 507 60.34 -29.94 -53.07
N GLY B 508 60.73 -31.07 -52.49
CA GLY B 508 62.05 -31.18 -51.90
C GLY B 508 62.19 -30.75 -50.46
N VAL B 509 61.08 -30.43 -49.81
CA VAL B 509 61.11 -30.02 -48.41
C VAL B 509 60.47 -31.08 -47.53
N ASP B 510 61.29 -31.70 -46.69
CA ASP B 510 60.84 -32.74 -45.77
C ASP B 510 60.21 -32.04 -44.57
N PRO B 511 58.95 -32.33 -44.27
CA PRO B 511 58.27 -31.73 -43.12
C PRO B 511 58.99 -31.98 -41.80
N ALA B 512 59.83 -33.01 -41.77
CA ALA B 512 60.58 -33.35 -40.58
C ALA B 512 61.73 -32.38 -40.37
N ASP B 513 62.10 -31.66 -41.43
CA ASP B 513 63.19 -30.69 -41.38
C ASP B 513 62.73 -29.27 -41.04
N ILE B 514 61.41 -29.04 -41.05
CA ILE B 514 60.87 -27.74 -40.75
C ILE B 514 60.98 -27.43 -39.26
N THR B 515 61.59 -26.28 -38.95
CA THR B 515 61.76 -25.84 -37.59
C THR B 515 61.11 -24.45 -37.44
N VAL B 516 60.41 -24.26 -36.33
CA VAL B 516 59.76 -22.98 -36.06
C VAL B 516 60.49 -22.42 -34.85
N SER B 517 61.09 -21.25 -35.01
CA SER B 517 61.83 -20.63 -33.90
C SER B 517 61.46 -19.15 -33.74
N SER B 518 61.95 -18.53 -32.67
CA SER B 518 61.66 -17.13 -32.41
C SER B 518 62.72 -16.54 -31.50
N ALA B 519 62.95 -15.23 -31.65
CA ALA B 519 63.92 -14.52 -30.83
C ALA B 519 63.15 -13.61 -29.88
N TYR B 520 61.84 -13.55 -30.07
CA TYR B 520 60.95 -12.74 -29.23
C TYR B 520 59.53 -13.19 -29.51
N ASN B 521 58.89 -13.75 -28.50
CA ASN B 521 57.54 -14.27 -28.63
C ASN B 521 56.87 -14.18 -27.28
N GLN B 522 55.77 -13.43 -27.19
CA GLN B 522 55.08 -13.31 -25.91
C GLN B 522 54.19 -14.50 -25.65
N CYS B 523 54.02 -15.35 -26.65
CA CYS B 523 53.21 -16.54 -26.55
C CYS B 523 54.16 -17.75 -26.69
N ALA B 524 53.62 -18.95 -26.80
CA ALA B 524 54.46 -20.14 -26.93
C ALA B 524 55.07 -20.30 -28.32
N THR B 525 56.24 -20.93 -28.38
CA THR B 525 56.94 -21.20 -29.63
C THR B 525 56.85 -22.71 -29.86
N PRO B 526 56.16 -23.14 -30.93
CA PRO B 526 55.90 -24.56 -31.20
C PRO B 526 57.10 -25.34 -31.74
N GLU B 527 57.13 -26.63 -31.44
CA GLU B 527 58.20 -27.50 -31.91
C GLU B 527 57.90 -28.07 -33.28
N ASP B 528 56.67 -28.49 -33.50
CA ASP B 528 56.29 -29.09 -34.76
C ASP B 528 55.23 -28.36 -35.56
N VAL B 529 54.99 -28.86 -36.76
CA VAL B 529 54.00 -28.32 -37.66
C VAL B 529 52.89 -29.36 -37.71
N HIS B 530 51.72 -28.97 -38.19
CA HIS B 530 50.58 -29.88 -38.25
C HIS B 530 50.14 -30.10 -39.69
N HIS B 531 49.94 -31.36 -40.04
CA HIS B 531 49.50 -31.72 -41.37
C HIS B 531 47.96 -31.74 -41.44
N VAL B 532 47.40 -31.03 -42.42
CA VAL B 532 45.95 -31.00 -42.59
C VAL B 532 45.58 -32.10 -43.58
N SER B 533 46.01 -31.94 -44.83
CA SER B 533 45.77 -32.94 -45.88
C SER B 533 46.64 -32.61 -47.07
N GLY B 534 47.07 -33.64 -47.79
CA GLY B 534 47.92 -33.42 -48.96
C GLY B 534 49.16 -32.69 -48.56
N ASP B 535 49.36 -31.51 -49.14
CA ASP B 535 50.54 -30.69 -48.87
C ASP B 535 50.23 -29.49 -48.00
N LEU B 536 49.03 -29.44 -47.45
CA LEU B 536 48.60 -28.33 -46.62
C LEU B 536 49.01 -28.60 -45.19
N TYR B 537 49.74 -27.65 -44.61
CA TYR B 537 50.21 -27.76 -43.24
C TYR B 537 49.96 -26.44 -42.53
N TYR B 538 50.06 -26.45 -41.21
CA TYR B 538 49.89 -25.22 -40.46
C TYR B 538 50.73 -25.20 -39.20
N VAL B 539 51.07 -23.99 -38.79
CA VAL B 539 51.84 -23.73 -37.57
C VAL B 539 50.81 -23.11 -36.65
N GLU B 540 50.80 -23.53 -35.39
CA GLU B 540 49.84 -22.96 -34.45
C GLU B 540 50.54 -22.28 -33.30
N ILE B 541 50.22 -21.01 -33.08
CA ILE B 541 50.81 -20.25 -31.99
C ILE B 541 49.79 -20.23 -30.86
N ASP B 542 50.21 -20.68 -29.69
CA ASP B 542 49.36 -20.77 -28.52
C ASP B 542 49.56 -19.61 -27.55
N CYS B 543 48.51 -18.79 -27.38
CA CYS B 543 48.57 -17.65 -26.46
C CYS B 543 47.61 -17.82 -25.28
N THR B 544 47.08 -19.03 -25.08
CA THR B 544 46.15 -19.25 -23.97
C THR B 544 46.82 -18.95 -22.62
N GLY B 545 46.09 -18.27 -21.75
CA GLY B 545 46.64 -17.91 -20.46
C GLY B 545 47.07 -16.46 -20.44
N GLU B 546 47.20 -15.88 -21.63
CA GLU B 546 47.57 -14.48 -21.77
C GLU B 546 46.28 -13.68 -21.79
N LYS B 547 46.18 -12.68 -20.92
CA LYS B 547 44.99 -11.85 -20.83
C LYS B 547 45.10 -10.66 -21.76
N ILE B 548 44.59 -10.82 -22.98
CA ILE B 548 44.65 -9.74 -23.96
C ILE B 548 43.33 -9.00 -23.90
N PHE B 549 43.37 -7.77 -23.39
CA PHE B 549 42.17 -6.97 -23.26
C PHE B 549 42.42 -5.48 -23.50
N PRO B 550 41.39 -4.73 -23.91
CA PRO B 550 41.54 -3.30 -24.17
C PRO B 550 41.60 -2.52 -22.87
N GLY B 551 42.78 -2.54 -22.24
CA GLY B 551 42.93 -1.83 -20.99
C GLY B 551 44.34 -1.30 -20.79
N GLY B 552 45.05 -1.09 -21.90
CA GLY B 552 46.40 -0.59 -21.82
C GLY B 552 47.16 -0.88 -23.09
N GLN B 553 48.25 -0.13 -23.33
CA GLN B 553 49.04 -0.33 -24.53
C GLN B 553 49.70 -1.72 -24.58
N SER B 554 50.11 -2.22 -23.42
CA SER B 554 50.72 -3.55 -23.34
C SER B 554 49.66 -4.63 -23.26
N GLU B 555 48.61 -4.32 -22.52
CA GLU B 555 47.52 -5.26 -22.26
C GLU B 555 46.70 -5.69 -23.46
N HIS B 556 46.46 -4.76 -24.38
CA HIS B 556 45.64 -5.06 -25.55
C HIS B 556 46.30 -5.83 -26.67
N ARG B 557 47.61 -6.06 -26.59
CA ARG B 557 48.28 -6.76 -27.68
C ARG B 557 49.35 -7.72 -27.19
N ARG B 558 49.79 -8.61 -28.10
CA ARG B 558 50.85 -9.58 -27.84
C ARG B 558 51.64 -9.68 -29.13
N GLU B 559 52.96 -9.52 -29.03
CA GLU B 559 53.83 -9.61 -30.19
C GLU B 559 54.36 -11.02 -30.35
N VAL B 560 54.34 -11.51 -31.58
CA VAL B 560 54.82 -12.85 -31.87
C VAL B 560 55.68 -12.84 -33.11
N GLN B 561 56.97 -13.11 -32.95
CA GLN B 561 57.88 -13.19 -34.09
C GLN B 561 58.14 -14.67 -34.24
N PHE B 562 58.02 -15.18 -35.46
CA PHE B 562 58.26 -16.60 -35.69
C PHE B 562 58.83 -16.85 -37.07
N ARG B 563 59.86 -17.70 -37.11
CA ARG B 563 60.53 -18.07 -38.34
C ARG B 563 60.26 -19.52 -38.66
N ILE B 564 59.76 -19.78 -39.86
CA ILE B 564 59.49 -21.14 -40.31
C ILE B 564 60.61 -21.42 -41.30
N ALA B 565 61.56 -22.27 -40.92
CA ALA B 565 62.68 -22.60 -41.79
C ALA B 565 62.47 -23.96 -42.43
N GLY B 566 62.50 -24.01 -43.76
CA GLY B 566 62.30 -25.27 -44.46
C GLY B 566 63.50 -25.70 -45.29
N GLY B 567 64.52 -24.86 -45.34
CA GLY B 567 65.71 -25.17 -46.12
C GLY B 567 65.54 -24.82 -47.58
N PRO B 568 66.52 -25.17 -48.43
CA PRO B 568 66.39 -24.89 -49.86
C PRO B 568 65.19 -25.63 -50.40
N GLY B 569 64.38 -24.95 -51.20
CA GLY B 569 63.18 -25.55 -51.73
C GLY B 569 61.97 -24.85 -51.14
N TRP B 570 62.19 -24.16 -50.02
CA TRP B 570 61.13 -23.42 -49.34
C TRP B 570 60.61 -22.37 -50.33
N ASP B 571 59.29 -22.33 -50.50
CA ASP B 571 58.66 -21.40 -51.42
C ASP B 571 57.36 -20.88 -50.79
N PRO B 572 57.37 -19.62 -50.34
CA PRO B 572 56.18 -19.02 -49.72
C PRO B 572 55.09 -18.55 -50.68
N SER B 573 55.41 -18.43 -51.97
CA SER B 573 54.42 -17.97 -52.95
C SER B 573 53.13 -18.76 -52.96
N ASN B 574 53.18 -20.03 -52.59
CA ASN B 574 51.98 -20.85 -52.61
C ASN B 574 51.42 -21.15 -51.23
N ASP B 575 51.80 -20.33 -50.25
CA ASP B 575 51.32 -20.49 -48.88
C ASP B 575 50.10 -19.61 -48.65
N TRP B 576 49.02 -20.24 -48.18
CA TRP B 576 47.77 -19.55 -47.91
C TRP B 576 47.93 -18.30 -47.04
N SER B 577 48.48 -18.44 -45.83
CA SER B 577 48.62 -17.32 -44.92
C SER B 577 49.60 -16.22 -45.30
N PHE B 578 50.47 -16.49 -46.27
CA PHE B 578 51.46 -15.54 -46.74
C PHE B 578 50.81 -14.44 -47.59
N GLN B 579 49.65 -14.75 -48.16
CA GLN B 579 48.94 -13.81 -49.02
C GLN B 579 48.69 -12.46 -48.36
N GLY B 580 49.12 -11.40 -49.04
CA GLY B 580 48.90 -10.05 -48.53
C GLY B 580 49.80 -9.51 -47.44
N ILE B 581 50.81 -10.27 -47.05
CA ILE B 581 51.72 -9.82 -46.01
C ILE B 581 52.85 -9.04 -46.67
N GLY B 582 53.05 -7.80 -46.23
CA GLY B 582 54.10 -6.97 -46.79
C GLY B 582 55.13 -6.57 -45.76
N ASN B 583 55.83 -5.47 -46.00
CA ASN B 583 56.85 -5.00 -45.06
C ASN B 583 56.28 -4.03 -44.06
N GLU B 584 54.99 -3.77 -44.18
CA GLU B 584 54.31 -2.86 -43.28
C GLU B 584 53.32 -3.64 -42.44
N LEU B 585 53.34 -3.39 -41.15
CA LEU B 585 52.43 -4.08 -40.25
C LEU B 585 51.00 -3.68 -40.66
N ALA B 586 50.21 -4.67 -41.03
CA ALA B 586 48.83 -4.45 -41.44
C ALA B 586 48.03 -5.71 -41.16
N PRO B 587 46.69 -5.60 -41.09
CA PRO B 587 45.84 -6.77 -40.82
C PRO B 587 46.13 -7.92 -41.78
N ALA B 588 46.29 -9.12 -41.22
CA ALA B 588 46.58 -10.31 -41.99
C ALA B 588 45.31 -11.15 -42.10
N PRO B 589 44.64 -11.11 -43.26
CA PRO B 589 43.33 -11.73 -43.45
C PRO B 589 43.38 -13.25 -43.58
N TYR B 590 44.57 -13.82 -43.76
CA TYR B 590 44.67 -15.26 -43.91
C TYR B 590 45.31 -16.01 -42.76
N ILE B 591 45.48 -15.31 -41.64
CA ILE B 591 46.00 -15.91 -40.42
C ILE B 591 44.74 -15.91 -39.56
N VAL B 592 44.27 -17.09 -39.19
CA VAL B 592 43.05 -17.23 -38.40
C VAL B 592 43.32 -17.28 -36.90
N LEU B 593 42.68 -16.36 -36.18
CA LEU B 593 42.78 -16.24 -34.72
C LEU B 593 41.57 -16.92 -34.10
N TYR B 594 41.79 -17.78 -33.12
CA TYR B 594 40.69 -18.48 -32.46
C TYR B 594 40.55 -18.05 -31.01
N ASP B 595 39.34 -18.15 -30.52
CA ASP B 595 39.02 -17.84 -29.14
C ASP B 595 38.44 -19.16 -28.61
N ASP B 596 39.25 -19.90 -27.87
CA ASP B 596 38.85 -21.19 -27.32
C ASP B 596 38.40 -22.13 -28.46
N GLY B 597 39.12 -22.07 -29.58
CA GLY B 597 38.79 -22.93 -30.70
C GLY B 597 37.79 -22.38 -31.69
N VAL B 598 37.15 -21.25 -31.35
CA VAL B 598 36.18 -20.64 -32.24
C VAL B 598 36.82 -19.52 -33.04
N PRO B 599 36.73 -19.59 -34.38
CA PRO B 599 37.29 -18.56 -35.26
C PRO B 599 36.74 -17.20 -34.93
N VAL B 600 37.61 -16.20 -34.86
CA VAL B 600 37.23 -14.84 -34.52
C VAL B 600 37.73 -13.84 -35.57
N TRP B 601 38.70 -14.27 -36.38
CA TRP B 601 39.27 -13.40 -37.41
C TRP B 601 39.96 -14.21 -38.51
N GLY B 602 39.96 -13.67 -39.73
CA GLY B 602 40.59 -14.34 -40.86
C GLY B 602 39.82 -15.48 -41.49
N THR B 603 40.24 -15.90 -42.67
CA THR B 603 39.59 -16.99 -43.39
C THR B 603 40.56 -18.14 -43.60
N ALA B 604 40.11 -19.34 -43.26
CA ALA B 604 40.91 -20.56 -43.39
C ALA B 604 40.86 -21.05 -44.83
N PRO B 605 41.78 -21.94 -45.21
CA PRO B 605 41.81 -22.58 -46.54
C PRO B 605 40.59 -23.48 -46.75
CA CA C . -5.35 -1.12 24.57
CA CA D . -66.22 0.05 -17.89
CA CA E . 21.43 15.15 4.19
CA CA F . 55.24 -23.33 -49.97
#